data_4AQ3
#
_entry.id   4AQ3
#
_cell.length_a   115.214
_cell.length_b   115.214
_cell.length_c   102.318
_cell.angle_alpha   90.00
_cell.angle_beta   90.00
_cell.angle_gamma   120.00
#
_symmetry.space_group_name_H-M   'P 32'
#
loop_
_entity.id
_entity.type
_entity.pdbx_description
1 polymer 'APOPTOSIS REGULATOR BCL-2, BCL-2-LIKE PROTEIN 1'
2 non-polymer N,N-dibutyl-4-chloranyl-1-[2-(3,4-dihydro-1H-isoquinolin-2-ylcarbonyl)-4-[(7-iodanylnaphthalen-2-yl)sulfonylcarbamoyl]phenyl]-5-methyl-pyrazole-3-carboxamide
#
_entity_poly.entity_id   1
_entity_poly.type   'polypeptide(L)'
_entity_poly.pdbx_seq_one_letter_code
;GSHMAHAGRTGYDNREIVMKYIHYKLSQRGYEWDAGDDVEENRTEAPEGTESEVVHLALRQAGDDFSRRYRGDFAEMSSQ
LHLTPFTARGRFATVVEELFRDGVNWGRIVAFFEFGGVMCVESVNREMSPLVDNIALWMTEYLNRHLHTWIQDNGGWDAF
VELYGPSMR
;
_entity_poly.pdbx_strand_id   A,B,C,D,E,F
#
# COMPACT_ATOMS: atom_id res chain seq x y z
N TYR A 12 -4.28 -3.31 15.57
CA TYR A 12 -4.31 -4.74 15.14
C TYR A 12 -3.20 -5.46 15.87
N ASP A 13 -3.19 -6.77 15.78
CA ASP A 13 -2.25 -7.57 16.53
C ASP A 13 -1.77 -8.73 15.67
N ASN A 14 -0.46 -8.78 15.47
CA ASN A 14 0.11 -9.66 14.49
C ASN A 14 -0.06 -11.13 14.88
N ARG A 15 0.11 -11.40 16.16
CA ARG A 15 -0.03 -12.74 16.65
C ARG A 15 -1.43 -13.26 16.27
N GLU A 16 -2.47 -12.42 16.46
CA GLU A 16 -3.87 -12.81 16.21
C GLU A 16 -4.12 -13.10 14.73
N ILE A 17 -3.60 -12.21 13.89
CA ILE A 17 -3.64 -12.37 12.46
C ILE A 17 -2.99 -13.69 12.03
N VAL A 18 -1.80 -13.98 12.52
CA VAL A 18 -1.19 -15.27 12.25
C VAL A 18 -2.10 -16.42 12.70
N MET A 19 -2.64 -16.34 13.91
CA MET A 19 -3.34 -17.51 14.47
C MET A 19 -4.61 -17.83 13.71
N LYS A 20 -5.33 -16.79 13.29
CA LYS A 20 -6.60 -16.94 12.56
C LYS A 20 -6.37 -17.47 11.16
N TYR A 21 -5.32 -16.97 10.54
CA TYR A 21 -4.95 -17.41 9.24
C TYR A 21 -4.55 -18.88 9.22
N ILE A 22 -3.71 -19.28 10.18
CA ILE A 22 -3.28 -20.66 10.24
C ILE A 22 -4.45 -21.54 10.61
N HIS A 23 -5.32 -21.03 11.47
CA HIS A 23 -6.49 -21.85 11.83
C HIS A 23 -7.31 -22.14 10.62
N TYR A 24 -7.51 -21.12 9.78
CA TYR A 24 -8.41 -21.26 8.65
C TYR A 24 -7.84 -22.20 7.59
N LYS A 25 -6.56 -22.05 7.26
CA LYS A 25 -5.94 -22.90 6.25
C LYS A 25 -6.06 -24.35 6.69
N LEU A 26 -5.88 -24.61 7.99
CA LEU A 26 -5.89 -25.97 8.49
C LEU A 26 -7.32 -26.51 8.45
N SER A 27 -8.26 -25.58 8.61
CA SER A 27 -9.66 -25.91 8.66
C SER A 27 -10.11 -26.27 7.26
N GLN A 28 -9.70 -25.48 6.28
CA GLN A 28 -9.91 -25.82 4.89
C GLN A 28 -9.65 -27.30 4.66
N ARG A 29 -8.58 -27.83 5.25
CA ARG A 29 -8.13 -29.22 5.04
C ARG A 29 -8.64 -30.22 6.09
N GLY A 30 -9.69 -29.88 6.84
CA GLY A 30 -10.28 -30.85 7.77
C GLY A 30 -9.43 -31.17 8.98
N TYR A 31 -8.50 -30.27 9.28
CA TYR A 31 -7.75 -30.34 10.52
C TYR A 31 -8.08 -29.18 11.44
N GLU A 32 -8.43 -29.54 12.66
CA GLU A 32 -8.84 -28.58 13.67
C GLU A 32 -7.65 -28.39 14.55
N TRP A 33 -7.16 -27.16 14.57
CA TRP A 33 -5.98 -26.81 15.34
C TRP A 33 -6.30 -26.06 16.60
N ASP A 34 -5.64 -26.46 17.67
CA ASP A 34 -5.70 -25.76 18.95
C ASP A 34 -5.38 -24.27 18.88
N VAL A 54 -11.83 -8.80 9.46
CA VAL A 54 -11.68 -7.76 8.47
C VAL A 54 -10.34 -7.97 7.75
N VAL A 55 -9.25 -7.81 8.49
CA VAL A 55 -7.92 -8.05 7.96
C VAL A 55 -7.67 -9.50 7.57
N HIS A 56 -8.11 -10.41 8.44
CA HIS A 56 -8.12 -11.85 8.20
C HIS A 56 -8.84 -12.25 6.91
N LEU A 57 -10.02 -11.66 6.67
CA LEU A 57 -10.81 -11.93 5.45
C LEU A 57 -10.09 -11.48 4.18
N ALA A 58 -9.54 -10.28 4.25
CA ALA A 58 -8.79 -9.68 3.16
C ALA A 58 -7.55 -10.48 2.82
N LEU A 59 -6.86 -10.92 3.88
CA LEU A 59 -5.62 -11.67 3.75
C LEU A 59 -5.85 -13.00 3.10
N ARG A 60 -6.90 -13.70 3.48
CA ARG A 60 -7.10 -15.00 2.88
C ARG A 60 -7.58 -14.94 1.45
N GLN A 61 -8.41 -13.98 1.13
CA GLN A 61 -8.77 -13.73 -0.25
C GLN A 61 -7.53 -13.44 -1.10
N ALA A 62 -6.67 -12.59 -0.59
CA ALA A 62 -5.41 -12.32 -1.31
C ALA A 62 -4.64 -13.63 -1.43
N GLY A 63 -4.49 -14.32 -0.30
CA GLY A 63 -3.77 -15.58 -0.28
C GLY A 63 -4.28 -16.60 -1.29
N ASP A 64 -5.60 -16.73 -1.44
CA ASP A 64 -6.16 -17.72 -2.35
C ASP A 64 -5.83 -17.36 -3.80
N ASP A 65 -5.95 -16.07 -4.13
CA ASP A 65 -5.65 -15.67 -5.48
C ASP A 65 -4.14 -15.87 -5.70
N PHE A 66 -3.33 -15.65 -4.66
CA PHE A 66 -1.88 -15.77 -4.86
C PHE A 66 -1.49 -17.21 -5.15
N SER A 67 -2.05 -18.13 -4.39
CA SER A 67 -1.56 -19.48 -4.54
C SER A 67 -2.21 -20.18 -5.73
N ARG A 68 -3.45 -19.80 -6.09
CA ARG A 68 -4.07 -20.27 -7.37
C ARG A 68 -3.26 -19.82 -8.58
N ARG A 69 -2.90 -18.54 -8.66
CA ARG A 69 -1.95 -18.12 -9.69
C ARG A 69 -0.60 -18.93 -9.69
N TYR A 70 -0.07 -19.33 -8.55
CA TYR A 70 1.21 -20.01 -8.57
C TYR A 70 1.11 -21.44 -8.13
N ARG A 71 -0.02 -22.07 -8.44
CA ARG A 71 -0.28 -23.45 -7.99
C ARG A 71 0.81 -24.42 -8.32
N GLY A 72 1.28 -24.42 -9.57
CA GLY A 72 2.37 -25.31 -9.99
C GLY A 72 3.64 -25.13 -9.13
N ASP A 73 4.08 -23.88 -8.94
CA ASP A 73 5.24 -23.52 -8.09
C ASP A 73 5.03 -23.95 -6.64
N PHE A 74 3.84 -23.74 -6.11
CA PHE A 74 3.57 -24.17 -4.73
C PHE A 74 3.67 -25.69 -4.62
N ALA A 75 3.33 -26.37 -5.72
CA ALA A 75 3.34 -27.85 -5.75
C ALA A 75 4.78 -28.38 -5.84
N GLU A 76 5.58 -27.74 -6.68
CA GLU A 76 7.01 -28.03 -6.72
C GLU A 76 7.58 -27.80 -5.31
N MET A 77 7.38 -26.60 -4.76
CA MET A 77 7.93 -26.25 -3.47
C MET A 77 7.48 -27.28 -2.41
N SER A 78 6.23 -27.71 -2.43
CA SER A 78 5.82 -28.66 -1.41
C SER A 78 6.59 -29.96 -1.43
N SER A 79 6.85 -30.49 -2.64
CA SER A 79 7.51 -31.80 -2.74
C SER A 79 9.01 -31.68 -2.47
N GLN A 80 9.52 -30.45 -2.45
CA GLN A 80 10.94 -30.21 -2.18
C GLN A 80 11.25 -29.92 -0.71
N LEU A 81 10.22 -29.73 0.10
CA LEU A 81 10.37 -29.13 1.42
C LEU A 81 11.07 -30.08 2.39
N HIS A 82 10.73 -31.35 2.32
CA HIS A 82 11.20 -32.38 3.26
C HIS A 82 11.21 -31.86 4.65
N LEU A 83 10.04 -31.42 5.08
CA LEU A 83 9.87 -30.84 6.37
C LEU A 83 10.16 -31.88 7.47
N THR A 84 10.99 -31.53 8.45
CA THR A 84 11.00 -32.23 9.75
C THR A 84 11.34 -31.22 10.83
N PRO A 85 11.38 -31.67 12.09
CA PRO A 85 11.76 -30.72 13.14
C PRO A 85 13.20 -30.24 12.99
N PHE A 86 14.00 -31.00 12.26
CA PHE A 86 15.39 -30.60 12.00
C PHE A 86 15.59 -29.57 10.91
N THR A 87 14.66 -29.48 9.95
CA THR A 87 14.87 -28.68 8.74
C THR A 87 14.02 -27.42 8.75
N ALA A 88 13.00 -27.43 9.59
CA ALA A 88 11.92 -26.48 9.49
C ALA A 88 12.34 -25.04 9.74
N ARG A 89 13.13 -24.78 10.77
CA ARG A 89 13.66 -23.43 11.03
C ARG A 89 14.45 -22.90 9.85
N GLY A 90 15.30 -23.78 9.28
CA GLY A 90 16.15 -23.48 8.13
C GLY A 90 15.30 -23.20 6.89
N ARG A 91 14.22 -23.97 6.68
CA ARG A 91 13.38 -23.71 5.50
C ARG A 91 12.79 -22.31 5.65
N PHE A 92 12.29 -22.05 6.85
CA PHE A 92 11.57 -20.86 7.11
C PHE A 92 12.49 -19.66 6.81
N ALA A 93 13.66 -19.68 7.40
CA ALA A 93 14.65 -18.63 7.22
C ALA A 93 15.08 -18.51 5.78
N THR A 94 15.31 -19.63 5.08
CA THR A 94 15.75 -19.54 3.72
C THR A 94 14.65 -18.82 2.93
N VAL A 95 13.41 -19.22 3.14
CA VAL A 95 12.36 -18.64 2.31
C VAL A 95 12.21 -17.16 2.55
N VAL A 96 12.15 -16.82 3.83
CA VAL A 96 11.84 -15.46 4.23
C VAL A 96 12.96 -14.51 3.85
N GLU A 97 14.18 -14.95 4.05
CA GLU A 97 15.35 -14.25 3.55
C GLU A 97 15.32 -14.07 2.03
N GLU A 98 14.94 -15.10 1.26
CA GLU A 98 14.88 -14.89 -0.20
C GLU A 98 13.71 -13.95 -0.56
N LEU A 99 12.54 -14.20 0.00
CA LEU A 99 11.40 -13.37 -0.29
C LEU A 99 11.58 -11.83 -0.11
N PHE A 100 12.30 -11.38 0.91
CA PHE A 100 12.28 -9.93 1.29
C PHE A 100 13.62 -9.26 1.01
N ARG A 101 14.49 -9.99 0.32
CA ARG A 101 15.84 -9.53 0.14
C ARG A 101 15.87 -8.22 -0.61
N ASP A 102 14.99 -8.05 -1.60
CA ASP A 102 14.89 -6.80 -2.36
C ASP A 102 13.96 -5.75 -1.78
N GLY A 103 13.45 -5.96 -0.57
CA GLY A 103 12.46 -5.06 -0.06
C GLY A 103 11.13 -5.74 0.17
N VAL A 104 10.15 -4.95 0.57
CA VAL A 104 8.90 -5.45 1.00
C VAL A 104 7.83 -4.77 0.15
N ASN A 105 6.75 -5.52 -0.13
CA ASN A 105 5.53 -4.96 -0.67
C ASN A 105 4.40 -5.88 -0.28
N TRP A 106 3.16 -5.50 -0.56
CA TRP A 106 2.05 -6.29 -0.08
C TRP A 106 1.99 -7.64 -0.73
N GLY A 107 2.40 -7.72 -2.00
CA GLY A 107 2.43 -9.00 -2.66
C GLY A 107 3.30 -9.96 -1.87
N ARG A 108 4.47 -9.48 -1.49
CA ARG A 108 5.40 -10.32 -0.69
C ARG A 108 4.87 -10.70 0.69
N ILE A 109 4.10 -9.84 1.33
CA ILE A 109 3.51 -10.25 2.59
C ILE A 109 2.43 -11.35 2.42
N VAL A 110 1.55 -11.20 1.43
CA VAL A 110 0.63 -12.29 1.05
C VAL A 110 1.48 -13.55 0.80
N ALA A 111 2.57 -13.47 0.03
CA ALA A 111 3.37 -14.68 -0.20
C ALA A 111 3.87 -15.35 1.11
N PHE A 112 4.23 -14.50 2.06
CA PHE A 112 4.72 -14.90 3.38
C PHE A 112 3.64 -15.69 4.20
N PHE A 113 2.43 -15.19 4.24
CA PHE A 113 1.34 -15.98 4.81
C PHE A 113 1.12 -17.30 4.10
N GLU A 114 1.11 -17.28 2.78
CA GLU A 114 0.82 -18.51 2.02
C GLU A 114 1.85 -19.55 2.32
N PHE A 115 3.12 -19.12 2.31
CA PHE A 115 4.20 -20.00 2.65
C PHE A 115 4.04 -20.58 4.06
N GLY A 116 3.86 -19.73 5.07
CA GLY A 116 3.53 -20.23 6.40
C GLY A 116 2.40 -21.29 6.36
N GLY A 117 1.31 -21.01 5.66
CA GLY A 117 0.19 -21.94 5.53
C GLY A 117 0.73 -23.24 4.99
N VAL A 118 1.51 -23.19 3.90
CA VAL A 118 2.07 -24.40 3.36
C VAL A 118 2.91 -25.21 4.38
N MET A 119 3.70 -24.54 5.21
CA MET A 119 4.51 -25.29 6.19
C MET A 119 3.59 -25.97 7.23
N CYS A 120 2.51 -25.31 7.63
CA CYS A 120 1.59 -25.85 8.61
C CYS A 120 0.75 -26.97 8.03
N VAL A 121 0.31 -26.81 6.79
CA VAL A 121 -0.38 -27.92 6.13
C VAL A 121 0.53 -29.12 6.03
N GLU A 122 1.75 -28.94 5.55
CA GLU A 122 2.68 -30.04 5.41
C GLU A 122 3.03 -30.66 6.77
N SER A 123 3.10 -29.81 7.78
CA SER A 123 3.40 -30.29 9.12
C SER A 123 2.34 -31.35 9.44
N VAL A 124 1.09 -31.01 9.18
CA VAL A 124 0.01 -31.86 9.57
C VAL A 124 0.02 -33.16 8.76
N ASN A 125 0.21 -33.03 7.46
CA ASN A 125 0.28 -34.18 6.60
C ASN A 125 1.29 -35.22 7.08
N ARG A 126 2.39 -34.76 7.63
CA ARG A 126 3.48 -35.65 7.97
C ARG A 126 3.45 -35.98 9.45
N GLU A 127 2.36 -35.63 10.12
CA GLU A 127 2.20 -35.96 11.54
C GLU A 127 3.30 -35.35 12.38
N MET A 128 3.63 -34.11 12.06
CA MET A 128 4.43 -33.29 12.95
C MET A 128 3.63 -32.06 13.36
N SER A 129 2.37 -32.27 13.72
CA SER A 129 1.47 -31.18 14.16
C SER A 129 2.05 -30.18 15.19
N PRO A 130 2.97 -30.61 16.08
CA PRO A 130 3.54 -29.67 17.06
C PRO A 130 4.38 -28.58 16.41
N LEU A 131 4.87 -28.83 15.20
CA LEU A 131 5.58 -27.80 14.42
C LEU A 131 4.71 -26.60 14.12
N VAL A 132 3.40 -26.81 13.96
CA VAL A 132 2.52 -25.66 13.72
C VAL A 132 2.76 -24.53 14.77
N ASP A 133 2.90 -24.89 16.04
CA ASP A 133 3.10 -23.87 17.06
C ASP A 133 4.39 -23.11 16.88
N ASN A 134 5.44 -23.78 16.43
CA ASN A 134 6.69 -23.08 16.09
C ASN A 134 6.52 -22.13 14.92
N ILE A 135 5.82 -22.62 13.92
CA ILE A 135 5.68 -21.87 12.69
C ILE A 135 4.90 -20.60 12.94
N ALA A 136 3.82 -20.74 13.70
CA ALA A 136 3.00 -19.61 14.07
C ALA A 136 3.83 -18.59 14.86
N LEU A 137 4.65 -19.10 15.80
CA LEU A 137 5.54 -18.24 16.58
C LEU A 137 6.57 -17.55 15.68
N TRP A 138 7.16 -18.29 14.72
CA TRP A 138 8.17 -17.67 13.86
C TRP A 138 7.54 -16.60 12.97
N MET A 139 6.29 -16.81 12.54
CA MET A 139 5.64 -15.88 11.64
C MET A 139 5.39 -14.63 12.41
N THR A 140 5.01 -14.79 13.68
CA THR A 140 4.74 -13.64 14.57
C THR A 140 6.01 -12.83 14.85
N GLU A 141 7.09 -13.49 15.24
CA GLU A 141 8.35 -12.79 15.51
C GLU A 141 8.78 -12.03 14.29
N TYR A 142 8.63 -12.64 13.13
CA TYR A 142 9.17 -12.02 11.94
C TYR A 142 8.30 -10.79 11.53
N LEU A 143 6.98 -10.92 11.63
CA LEU A 143 6.12 -9.77 11.51
C LEU A 143 6.46 -8.63 12.47
N ASN A 144 6.58 -8.94 13.76
CA ASN A 144 6.73 -7.89 14.81
C ASN A 144 8.08 -7.29 14.72
N ARG A 145 9.07 -8.14 14.45
CA ARG A 145 10.45 -7.74 14.38
C ARG A 145 10.78 -6.99 13.10
N HIS A 146 10.44 -7.54 11.93
CA HIS A 146 11.16 -7.18 10.69
C HIS A 146 10.25 -6.62 9.64
N LEU A 147 8.93 -6.73 9.83
CA LEU A 147 8.02 -6.25 8.82
C LEU A 147 7.15 -5.11 9.34
N HIS A 148 7.08 -5.01 10.66
CA HIS A 148 6.15 -4.12 11.34
C HIS A 148 6.39 -2.69 10.92
N THR A 149 7.66 -2.34 10.85
CA THR A 149 8.14 -1.04 10.42
C THR A 149 7.61 -0.63 9.05
N TRP A 150 7.75 -1.52 8.07
CA TRP A 150 7.30 -1.25 6.74
C TRP A 150 5.77 -1.16 6.68
N ILE A 151 5.12 -2.08 7.37
CA ILE A 151 3.66 -2.04 7.48
C ILE A 151 3.16 -0.70 8.00
N GLN A 152 3.79 -0.17 9.02
CA GLN A 152 3.40 1.17 9.49
C GLN A 152 3.63 2.25 8.42
N ASP A 153 4.83 2.34 7.86
CA ASP A 153 5.08 3.41 6.88
C ASP A 153 4.11 3.38 5.71
N ASN A 154 3.47 2.22 5.49
CA ASN A 154 2.59 2.05 4.31
C ASN A 154 1.06 2.07 4.56
N GLY A 155 0.66 2.49 5.76
CA GLY A 155 -0.74 2.75 6.07
C GLY A 155 -1.32 1.75 7.07
N GLY A 156 -0.43 1.06 7.79
CA GLY A 156 -0.83 -0.06 8.65
C GLY A 156 -1.66 -1.13 7.95
N TRP A 157 -2.13 -2.10 8.72
CA TRP A 157 -3.04 -3.09 8.18
C TRP A 157 -4.30 -2.52 7.50
N ASP A 158 -4.73 -1.35 7.98
CA ASP A 158 -5.85 -0.61 7.37
C ASP A 158 -5.64 -0.33 5.91
N ALA A 159 -4.40 -0.09 5.49
CA ALA A 159 -4.15 0.25 4.09
C ALA A 159 -4.33 -1.00 3.27
N PHE A 160 -4.11 -2.12 3.92
CA PHE A 160 -4.21 -3.33 3.17
C PHE A 160 -5.64 -3.72 3.01
N VAL A 161 -6.41 -3.51 4.06
CA VAL A 161 -7.86 -3.64 3.98
C VAL A 161 -8.46 -2.65 2.96
N GLU A 162 -8.06 -1.38 2.97
CA GLU A 162 -8.42 -0.49 1.83
C GLU A 162 -7.78 -0.89 0.46
N LEU A 163 -7.45 -2.17 0.28
CA LEU A 163 -7.07 -2.81 -0.98
C LEU A 163 -8.06 -3.97 -1.30
N TYR A 164 -8.08 -5.00 -0.43
CA TYR A 164 -9.26 -5.93 -0.28
C TYR A 164 -10.33 -5.60 0.83
N GLY A 165 -11.59 -5.33 0.44
CA GLY A 165 -12.71 -5.41 1.38
C GLY A 165 -13.38 -6.76 1.28
N TYR B 12 18.95 35.04 -0.21
CA TYR B 12 17.67 34.30 -0.43
C TYR B 12 16.68 35.10 -1.23
N ASP B 13 16.10 34.47 -2.25
CA ASP B 13 15.03 35.10 -2.99
C ASP B 13 13.71 34.33 -2.98
N ASN B 14 12.70 34.95 -2.39
CA ASN B 14 11.38 34.37 -2.25
C ASN B 14 10.69 33.87 -3.51
N ARG B 15 10.75 34.69 -4.56
CA ARG B 15 10.15 34.38 -5.84
C ARG B 15 10.76 33.07 -6.34
N GLU B 16 12.07 33.03 -6.30
CA GLU B 16 12.79 31.82 -6.65
C GLU B 16 12.34 30.63 -5.76
N ILE B 17 12.24 30.86 -4.46
CA ILE B 17 11.79 29.77 -3.58
C ILE B 17 10.38 29.30 -3.96
N VAL B 18 9.51 30.24 -4.35
CA VAL B 18 8.18 29.86 -4.82
C VAL B 18 8.21 29.11 -6.17
N MET B 19 8.96 29.61 -7.13
CA MET B 19 9.00 28.98 -8.46
C MET B 19 9.52 27.54 -8.40
N LYS B 20 10.65 27.36 -7.70
CA LYS B 20 11.23 26.01 -7.52
C LYS B 20 10.24 25.07 -6.88
N TYR B 21 9.63 25.51 -5.81
CA TYR B 21 8.70 24.67 -5.12
C TYR B 21 7.48 24.26 -5.99
N ILE B 22 6.92 25.20 -6.75
CA ILE B 22 5.73 24.89 -7.49
C ILE B 22 6.03 24.01 -8.68
N HIS B 23 7.14 24.30 -9.32
CA HIS B 23 7.68 23.45 -10.36
C HIS B 23 7.88 22.04 -9.86
N TYR B 24 8.49 21.86 -8.70
CA TYR B 24 8.59 20.49 -8.17
C TYR B 24 7.25 19.79 -7.88
N LYS B 25 6.25 20.53 -7.38
CA LYS B 25 4.92 19.95 -7.10
C LYS B 25 4.20 19.55 -8.41
N LEU B 26 4.22 20.42 -9.41
CA LEU B 26 3.66 20.05 -10.71
C LEU B 26 4.37 18.87 -11.42
N SER B 27 5.64 18.68 -11.11
CA SER B 27 6.43 17.63 -11.75
C SER B 27 6.24 16.31 -11.05
N GLN B 28 6.29 16.29 -9.72
CA GLN B 28 5.70 15.19 -8.93
C GLN B 28 4.53 14.51 -9.67
N ARG B 29 3.67 15.32 -10.28
CA ARG B 29 2.37 14.87 -10.79
C ARG B 29 2.34 14.84 -12.29
N GLY B 30 3.49 15.16 -12.88
CA GLY B 30 3.63 15.01 -14.32
C GLY B 30 3.23 16.21 -15.18
N TYR B 31 2.86 17.33 -14.58
CA TYR B 31 2.78 18.52 -15.43
C TYR B 31 4.11 19.27 -15.41
N GLU B 32 4.38 19.97 -16.50
CA GLU B 32 5.63 20.63 -16.75
C GLU B 32 5.33 22.12 -16.86
N TRP B 33 5.91 22.94 -16.00
CA TRP B 33 5.53 24.35 -15.97
C TRP B 33 6.63 25.28 -16.39
N ASP B 34 6.25 26.31 -17.16
CA ASP B 34 7.19 27.25 -17.74
C ASP B 34 7.66 28.33 -16.76
N VAL B 54 18.96 24.35 -1.67
CA VAL B 54 19.20 23.90 -0.28
C VAL B 54 17.94 24.14 0.57
N VAL B 55 17.52 25.40 0.63
CA VAL B 55 16.20 25.78 1.08
C VAL B 55 15.13 24.96 0.36
N HIS B 56 15.30 24.78 -0.94
CA HIS B 56 14.26 24.16 -1.74
C HIS B 56 14.06 22.71 -1.32
N LEU B 57 15.17 22.04 -1.06
CA LEU B 57 15.16 20.65 -0.59
C LEU B 57 14.62 20.50 0.83
N ALA B 58 14.93 21.44 1.71
CA ALA B 58 14.33 21.46 3.06
C ALA B 58 12.83 21.55 2.97
N LEU B 59 12.35 22.50 2.17
CA LEU B 59 10.91 22.76 2.02
C LEU B 59 10.16 21.55 1.50
N ARG B 60 10.69 20.95 0.46
CA ARG B 60 9.94 19.85 -0.08
C ARG B 60 10.01 18.62 0.79
N GLN B 61 11.09 18.46 1.54
CA GLN B 61 11.11 17.39 2.56
C GLN B 61 10.04 17.70 3.62
N ALA B 62 10.04 18.95 4.10
CA ALA B 62 9.03 19.32 5.10
C ALA B 62 7.59 19.24 4.54
N GLY B 63 7.34 19.74 3.33
CA GLY B 63 5.99 19.73 2.76
C GLY B 63 5.45 18.31 2.57
N ASP B 64 6.32 17.39 2.19
CA ASP B 64 5.92 16.00 2.00
C ASP B 64 5.56 15.34 3.32
N ASP B 65 6.31 15.61 4.38
CA ASP B 65 5.91 15.17 5.74
C ASP B 65 4.58 15.78 6.21
N PHE B 66 4.32 17.03 5.84
CA PHE B 66 3.14 17.73 6.39
C PHE B 66 1.88 17.29 5.66
N SER B 67 2.02 17.13 4.36
CA SER B 67 0.94 16.67 3.55
C SER B 67 0.66 15.15 3.74
N ARG B 68 1.67 14.36 4.09
CA ARG B 68 1.40 12.95 4.45
C ARG B 68 0.59 12.85 5.74
N ARG B 69 1.10 13.47 6.79
CA ARG B 69 0.42 13.61 8.06
C ARG B 69 -1.04 14.12 7.91
N TYR B 70 -1.36 14.88 6.87
CA TYR B 70 -2.73 15.33 6.74
C TYR B 70 -3.35 14.91 5.46
N ARG B 71 -2.96 13.75 4.97
CA ARG B 71 -3.55 13.24 3.74
C ARG B 71 -5.08 13.45 3.76
N GLY B 72 -5.75 12.94 4.77
CA GLY B 72 -7.22 13.09 4.88
C GLY B 72 -7.66 14.54 4.71
N ASP B 73 -7.09 15.44 5.49
CA ASP B 73 -7.56 16.83 5.44
C ASP B 73 -7.31 17.47 4.04
N PHE B 74 -6.21 17.09 3.39
CA PHE B 74 -5.96 17.62 2.04
C PHE B 74 -6.95 17.05 1.01
N ALA B 75 -7.45 15.85 1.27
CA ALA B 75 -8.46 15.25 0.40
C ALA B 75 -9.81 15.99 0.46
N GLU B 76 -10.31 16.22 1.67
CA GLU B 76 -11.49 17.07 1.87
C GLU B 76 -11.31 18.42 1.21
N MET B 77 -10.24 19.12 1.61
CA MET B 77 -10.00 20.47 1.13
C MET B 77 -10.10 20.48 -0.38
N SER B 78 -9.38 19.58 -1.03
CA SER B 78 -9.31 19.60 -2.48
C SER B 78 -10.65 19.46 -3.16
N SER B 79 -11.50 18.62 -2.60
CA SER B 79 -12.81 18.41 -3.17
C SER B 79 -13.81 19.51 -2.78
N GLN B 80 -13.43 20.41 -1.87
CA GLN B 80 -14.30 21.54 -1.49
C GLN B 80 -13.86 22.84 -2.12
N LEU B 81 -12.71 22.79 -2.78
CA LEU B 81 -12.02 23.97 -3.21
C LEU B 81 -12.81 24.68 -4.30
N HIS B 82 -13.40 23.92 -5.22
CA HIS B 82 -14.21 24.52 -6.32
C HIS B 82 -13.49 25.68 -6.94
N LEU B 83 -12.24 25.47 -7.33
CA LEU B 83 -11.44 26.49 -7.93
C LEU B 83 -12.00 27.00 -9.29
N THR B 84 -12.19 28.31 -9.43
CA THR B 84 -12.29 28.91 -10.74
C THR B 84 -11.48 30.18 -10.81
N PRO B 85 -11.32 30.75 -12.02
CA PRO B 85 -10.63 32.03 -12.13
C PRO B 85 -11.27 33.09 -11.28
N PHE B 86 -12.53 32.86 -10.89
CA PHE B 86 -13.30 33.86 -10.11
C PHE B 86 -13.19 33.68 -8.62
N THR B 87 -12.91 32.48 -8.16
CA THR B 87 -12.86 32.26 -6.71
C THR B 87 -11.44 32.15 -6.20
N ALA B 88 -10.51 32.00 -7.12
CA ALA B 88 -9.14 31.62 -6.80
C ALA B 88 -8.49 32.59 -5.83
N ARG B 89 -8.63 33.88 -6.13
CA ARG B 89 -8.03 34.91 -5.32
C ARG B 89 -8.57 34.86 -3.89
N GLY B 90 -9.90 34.69 -3.77
CA GLY B 90 -10.60 34.60 -2.50
C GLY B 90 -10.26 33.34 -1.69
N ARG B 91 -10.07 32.20 -2.35
CA ARG B 91 -9.68 31.00 -1.63
C ARG B 91 -8.30 31.23 -1.05
N PHE B 92 -7.34 31.55 -1.91
CA PHE B 92 -6.03 31.89 -1.45
C PHE B 92 -6.06 32.87 -0.26
N ALA B 93 -6.59 34.08 -0.44
CA ALA B 93 -6.64 35.02 0.70
C ALA B 93 -7.33 34.45 1.92
N THR B 94 -8.44 33.73 1.74
CA THR B 94 -9.19 33.23 2.87
C THR B 94 -8.40 32.15 3.64
N VAL B 95 -7.67 31.28 2.92
CA VAL B 95 -6.99 30.15 3.60
C VAL B 95 -5.78 30.64 4.39
N VAL B 96 -5.08 31.61 3.82
CA VAL B 96 -3.87 32.19 4.37
C VAL B 96 -4.12 33.14 5.56
N GLU B 97 -5.19 33.89 5.53
CA GLU B 97 -5.58 34.66 6.69
C GLU B 97 -5.94 33.83 7.90
N GLU B 98 -6.66 32.73 7.69
CA GLU B 98 -6.94 31.76 8.75
C GLU B 98 -5.67 31.14 9.22
N LEU B 99 -4.86 30.68 8.27
CA LEU B 99 -3.62 30.01 8.58
C LEU B 99 -2.71 30.81 9.52
N PHE B 100 -2.59 32.12 9.30
CA PHE B 100 -1.67 32.92 10.09
C PHE B 100 -2.42 33.84 10.98
N ARG B 101 -3.72 33.61 11.11
CA ARG B 101 -4.55 34.34 12.04
C ARG B 101 -3.89 34.52 13.42
N ASP B 102 -3.44 33.43 14.03
CA ASP B 102 -2.99 33.48 15.42
C ASP B 102 -1.47 33.51 15.51
N GLY B 103 -0.77 33.92 14.47
CA GLY B 103 0.69 33.92 14.55
C GLY B 103 1.35 33.05 13.50
N VAL B 104 2.65 33.20 13.35
CA VAL B 104 3.37 32.52 12.33
C VAL B 104 4.24 31.46 12.99
N ASN B 105 4.50 30.37 12.31
CA ASN B 105 5.64 29.53 12.69
C ASN B 105 6.02 28.68 11.49
N TRP B 106 7.13 27.96 11.59
CA TRP B 106 7.60 27.14 10.47
C TRP B 106 6.60 26.10 10.05
N GLY B 107 5.95 25.44 11.00
CA GLY B 107 4.90 24.50 10.56
C GLY B 107 3.94 25.20 9.58
N ARG B 108 3.57 26.43 9.93
CA ARG B 108 2.54 27.13 9.24
C ARG B 108 3.05 27.65 7.94
N ILE B 109 4.34 27.97 7.84
CA ILE B 109 4.93 28.34 6.54
C ILE B 109 4.99 27.12 5.61
N VAL B 110 5.27 25.96 6.16
CA VAL B 110 5.24 24.75 5.38
C VAL B 110 3.81 24.53 4.87
N ALA B 111 2.84 24.65 5.77
CA ALA B 111 1.43 24.53 5.43
C ALA B 111 1.11 25.40 4.26
N PHE B 112 1.72 26.58 4.24
CA PHE B 112 1.44 27.63 3.28
C PHE B 112 1.95 27.23 1.92
N PHE B 113 3.17 26.72 1.85
CA PHE B 113 3.63 26.14 0.60
C PHE B 113 2.76 25.00 0.12
N GLU B 114 2.49 24.05 1.01
CA GLU B 114 1.69 22.94 0.59
C GLU B 114 0.38 23.48 0.08
N PHE B 115 -0.20 24.47 0.75
CA PHE B 115 -1.47 24.89 0.27
C PHE B 115 -1.33 25.50 -1.13
N GLY B 116 -0.33 26.36 -1.33
CA GLY B 116 -0.08 26.91 -2.69
C GLY B 116 0.02 25.79 -3.73
N GLY B 117 0.58 24.67 -3.26
CA GLY B 117 0.90 23.54 -4.11
C GLY B 117 -0.34 22.88 -4.63
N VAL B 118 -1.30 22.67 -3.73
CA VAL B 118 -2.58 22.05 -4.06
C VAL B 118 -3.40 22.94 -4.97
N MET B 119 -3.41 24.26 -4.71
CA MET B 119 -4.06 25.16 -5.63
C MET B 119 -3.46 25.08 -7.03
N CYS B 120 -2.13 25.03 -7.16
CA CYS B 120 -1.53 24.89 -8.49
C CYS B 120 -1.88 23.59 -9.15
N VAL B 121 -1.66 22.47 -8.45
CA VAL B 121 -2.07 21.15 -8.97
C VAL B 121 -3.54 21.20 -9.44
N GLU B 122 -4.41 21.75 -8.60
CA GLU B 122 -5.83 21.79 -8.90
C GLU B 122 -6.10 22.58 -10.17
N SER B 123 -5.31 23.62 -10.40
CA SER B 123 -5.50 24.51 -11.50
C SER B 123 -5.25 23.75 -12.79
N VAL B 124 -4.14 23.02 -12.82
CA VAL B 124 -3.81 22.21 -13.99
C VAL B 124 -4.89 21.19 -14.28
N ASN B 125 -5.33 20.48 -13.24
CA ASN B 125 -6.38 19.45 -13.35
C ASN B 125 -7.68 19.89 -13.98
N ARG B 126 -8.14 21.09 -13.63
CA ARG B 126 -9.39 21.64 -14.10
C ARG B 126 -9.18 22.49 -15.35
N GLU B 127 -7.97 22.42 -15.89
CA GLU B 127 -7.61 23.10 -17.12
C GLU B 127 -7.72 24.60 -17.03
N MET B 128 -7.24 25.11 -15.90
CA MET B 128 -7.17 26.54 -15.69
C MET B 128 -5.73 26.83 -15.43
N SER B 129 -4.87 26.31 -16.28
CA SER B 129 -3.45 26.35 -16.00
C SER B 129 -2.83 27.77 -15.89
N PRO B 130 -3.44 28.78 -16.53
CA PRO B 130 -2.92 30.15 -16.34
C PRO B 130 -2.99 30.69 -14.89
N LEU B 131 -3.84 30.06 -14.07
CA LEU B 131 -3.95 30.38 -12.65
C LEU B 131 -2.68 30.10 -11.88
N VAL B 132 -1.86 29.15 -12.37
CA VAL B 132 -0.59 28.80 -11.72
C VAL B 132 0.27 30.05 -11.57
N ASP B 133 0.40 30.82 -12.64
CA ASP B 133 1.17 32.09 -12.58
C ASP B 133 0.69 33.06 -11.47
N ASN B 134 -0.63 33.24 -11.34
CA ASN B 134 -1.25 34.10 -10.33
C ASN B 134 -1.05 33.63 -8.89
N ILE B 135 -1.21 32.33 -8.69
CA ILE B 135 -0.91 31.75 -7.43
C ILE B 135 0.56 32.00 -7.13
N ALA B 136 1.46 31.73 -8.07
CA ALA B 136 2.88 31.92 -7.78
C ALA B 136 3.12 33.37 -7.36
N LEU B 137 2.49 34.29 -8.06
CA LEU B 137 2.65 35.68 -7.71
C LEU B 137 2.08 36.01 -6.34
N TRP B 138 0.93 35.47 -5.98
CA TRP B 138 0.35 35.72 -4.64
C TRP B 138 1.14 35.07 -3.53
N MET B 139 1.79 33.96 -3.84
CA MET B 139 2.60 33.35 -2.80
C MET B 139 3.71 34.30 -2.49
N THR B 140 4.35 34.80 -3.55
CA THR B 140 5.49 35.69 -3.44
C THR B 140 5.20 37.01 -2.72
N GLU B 141 4.11 37.66 -3.12
CA GLU B 141 3.68 38.88 -2.39
C GLU B 141 3.45 38.57 -0.94
N TYR B 142 2.74 37.49 -0.64
CA TYR B 142 2.47 37.17 0.74
C TYR B 142 3.75 36.94 1.56
N LEU B 143 4.69 36.17 1.03
CA LEU B 143 5.99 36.02 1.67
C LEU B 143 6.72 37.36 1.87
N ASN B 144 6.77 38.15 0.80
CA ASN B 144 7.43 39.46 0.81
C ASN B 144 6.76 40.51 1.68
N ARG B 145 5.44 40.52 1.70
CA ARG B 145 4.76 41.52 2.54
C ARG B 145 4.50 41.12 3.96
N HIS B 146 4.18 39.85 4.24
CA HIS B 146 3.62 39.53 5.56
C HIS B 146 4.42 38.52 6.32
N LEU B 147 5.17 37.67 5.64
CA LEU B 147 5.92 36.65 6.36
C LEU B 147 7.37 37.09 6.56
N HIS B 148 7.83 37.99 5.71
CA HIS B 148 9.23 38.40 5.69
C HIS B 148 9.77 38.76 7.02
N THR B 149 8.99 39.51 7.75
CA THR B 149 9.43 40.08 8.99
C THR B 149 9.63 38.96 9.98
N TRP B 150 8.75 37.96 9.92
CA TRP B 150 8.80 36.94 10.90
C TRP B 150 9.99 36.06 10.57
N ILE B 151 10.25 35.88 9.29
CA ILE B 151 11.28 34.96 8.88
C ILE B 151 12.63 35.55 9.30
N GLN B 152 12.80 36.83 8.98
CA GLN B 152 13.96 37.56 9.37
C GLN B 152 14.17 37.46 10.86
N ASP B 153 13.13 37.76 11.64
CA ASP B 153 13.29 37.77 13.09
C ASP B 153 13.60 36.39 13.67
N ASN B 154 13.49 35.34 12.86
CA ASN B 154 13.62 33.99 13.39
C ASN B 154 14.81 33.27 12.78
N GLY B 155 15.66 34.01 12.08
CA GLY B 155 16.98 33.50 11.63
C GLY B 155 17.09 33.45 10.12
N GLY B 156 16.09 34.02 9.45
CA GLY B 156 15.95 33.87 8.01
C GLY B 156 15.74 32.43 7.54
N TRP B 157 15.76 32.25 6.24
CA TRP B 157 15.74 30.90 5.67
C TRP B 157 16.82 29.96 6.18
N ASP B 158 18.00 30.51 6.51
CA ASP B 158 19.10 29.77 7.19
C ASP B 158 18.68 28.93 8.38
N ALA B 159 17.93 29.52 9.31
CA ALA B 159 17.40 28.80 10.48
C ALA B 159 16.56 27.59 10.06
N PHE B 160 15.70 27.80 9.08
CA PHE B 160 14.94 26.69 8.54
C PHE B 160 15.79 25.65 7.86
N VAL B 161 16.84 26.08 7.19
CA VAL B 161 17.64 25.11 6.47
C VAL B 161 18.37 24.22 7.43
N GLU B 162 18.71 24.72 8.59
CA GLU B 162 19.35 23.83 9.52
C GLU B 162 18.42 22.93 10.33
N LEU B 163 17.14 23.30 10.45
CA LEU B 163 16.11 22.43 10.97
C LEU B 163 15.86 21.20 10.06
N TYR B 164 15.41 21.47 8.83
CA TYR B 164 14.78 20.40 8.03
C TYR B 164 15.46 19.94 6.73
N GLY B 165 16.71 20.37 6.50
CA GLY B 165 17.38 20.19 5.18
C GLY B 165 18.38 19.04 5.01
N TYR C 12 43.95 -12.26 -14.96
CA TYR C 12 43.15 -13.30 -14.23
C TYR C 12 42.03 -12.68 -13.42
N ASP C 13 40.81 -12.98 -13.81
CA ASP C 13 39.63 -12.56 -13.08
C ASP C 13 38.86 -13.83 -12.65
N ASN C 14 38.64 -13.97 -11.34
CA ASN C 14 38.02 -15.13 -10.76
C ASN C 14 36.64 -15.39 -11.31
N ARG C 15 35.87 -14.33 -11.55
CA ARG C 15 34.57 -14.42 -12.19
C ARG C 15 34.68 -14.99 -13.61
N GLU C 16 35.59 -14.46 -14.43
CA GLU C 16 35.89 -15.04 -15.75
C GLU C 16 36.14 -16.55 -15.67
N ILE C 17 37.05 -16.94 -14.79
CA ILE C 17 37.42 -18.33 -14.62
C ILE C 17 36.21 -19.18 -14.20
N VAL C 18 35.39 -18.70 -13.26
CA VAL C 18 34.18 -19.45 -12.92
C VAL C 18 33.20 -19.66 -14.09
N MET C 19 32.87 -18.57 -14.76
CA MET C 19 31.92 -18.58 -15.86
C MET C 19 32.37 -19.51 -16.97
N LYS C 20 33.64 -19.43 -17.37
CA LYS C 20 34.18 -20.28 -18.43
C LYS C 20 34.10 -21.76 -18.04
N TYR C 21 34.34 -22.04 -16.78
CA TYR C 21 34.38 -23.41 -16.37
C TYR C 21 32.99 -24.02 -16.19
N ILE C 22 32.04 -23.25 -15.68
CA ILE C 22 30.70 -23.77 -15.62
C ILE C 22 30.18 -24.00 -17.04
N HIS C 23 30.37 -23.01 -17.91
CA HIS C 23 29.86 -23.06 -19.27
C HIS C 23 30.27 -24.36 -19.93
N TYR C 24 31.56 -24.67 -19.84
CA TYR C 24 32.15 -25.93 -20.29
C TYR C 24 31.47 -27.19 -19.74
N LYS C 25 31.54 -27.42 -18.42
CA LYS C 25 30.88 -28.54 -17.78
C LYS C 25 29.42 -28.67 -18.27
N LEU C 26 28.73 -27.58 -18.55
CA LEU C 26 27.33 -27.72 -18.89
C LEU C 26 27.18 -28.21 -20.32
N SER C 27 27.95 -27.64 -21.24
CA SER C 27 27.89 -28.06 -22.63
C SER C 27 28.36 -29.50 -22.81
N GLN C 28 29.45 -29.90 -22.13
CA GLN C 28 29.81 -31.31 -21.98
C GLN C 28 28.55 -32.20 -21.91
N ARG C 29 27.50 -31.71 -21.24
CA ARG C 29 26.28 -32.51 -21.06
C ARG C 29 25.12 -31.97 -21.86
N GLY C 30 25.45 -31.35 -22.99
CA GLY C 30 24.46 -30.84 -23.92
C GLY C 30 23.54 -29.77 -23.38
N TYR C 31 24.05 -28.86 -22.55
CA TYR C 31 23.22 -27.71 -22.14
C TYR C 31 23.93 -26.37 -22.42
N GLU C 32 23.14 -25.35 -22.77
CA GLU C 32 23.63 -24.04 -23.22
C GLU C 32 23.21 -22.90 -22.28
N TRP C 33 24.19 -22.20 -21.74
CA TRP C 33 23.94 -21.33 -20.60
C TRP C 33 24.27 -19.87 -20.85
N ASP C 34 23.22 -19.08 -21.05
CA ASP C 34 23.34 -17.70 -21.53
C ASP C 34 24.30 -16.86 -20.70
N VAL C 54 43.82 -19.95 -20.80
CA VAL C 54 44.93 -20.84 -20.45
C VAL C 54 44.67 -21.50 -19.08
N VAL C 55 44.23 -20.69 -18.14
CA VAL C 55 43.78 -21.18 -16.88
C VAL C 55 42.56 -22.08 -17.03
N HIS C 56 41.64 -21.66 -17.90
CA HIS C 56 40.45 -22.43 -18.32
C HIS C 56 40.80 -23.84 -18.69
N LEU C 57 41.76 -23.97 -19.59
CA LEU C 57 42.24 -25.23 -20.15
C LEU C 57 43.06 -26.09 -19.15
N ALA C 58 43.84 -25.46 -18.30
CA ALA C 58 44.51 -26.20 -17.24
C ALA C 58 43.49 -26.75 -16.25
N LEU C 59 42.53 -25.92 -15.89
CA LEU C 59 41.50 -26.26 -14.89
C LEU C 59 40.66 -27.43 -15.36
N ARG C 60 40.25 -27.40 -16.61
CA ARG C 60 39.50 -28.52 -17.12
C ARG C 60 40.33 -29.76 -17.34
N GLN C 61 41.62 -29.62 -17.60
CA GLN C 61 42.45 -30.83 -17.63
C GLN C 61 42.59 -31.41 -16.22
N ALA C 62 42.82 -30.53 -15.25
CA ALA C 62 43.05 -30.92 -13.90
C ALA C 62 41.78 -31.54 -13.40
N GLY C 63 40.67 -30.83 -13.65
CA GLY C 63 39.32 -31.22 -13.26
C GLY C 63 38.92 -32.56 -13.78
N ASP C 64 39.17 -32.81 -15.07
CA ASP C 64 38.88 -34.16 -15.63
C ASP C 64 39.69 -35.31 -14.99
N ASP C 65 40.99 -35.13 -14.80
CA ASP C 65 41.74 -36.15 -14.04
C ASP C 65 41.20 -36.31 -12.63
N PHE C 66 40.90 -35.21 -11.99
CA PHE C 66 40.43 -35.33 -10.63
C PHE C 66 39.13 -36.13 -10.58
N SER C 67 38.21 -35.90 -11.51
CA SER C 67 36.93 -36.51 -11.34
C SER C 67 36.84 -37.95 -11.85
N ARG C 68 37.73 -38.33 -12.77
CA ARG C 68 37.91 -39.74 -13.22
C ARG C 68 38.50 -40.58 -12.12
N ARG C 69 39.53 -40.05 -11.49
CA ARG C 69 40.15 -40.69 -10.34
C ARG C 69 39.12 -40.94 -9.19
N TYR C 70 38.17 -40.03 -8.94
CA TYR C 70 37.21 -40.22 -7.85
C TYR C 70 35.82 -40.50 -8.39
N ARG C 71 35.75 -41.24 -9.49
CA ARG C 71 34.48 -41.41 -10.23
C ARG C 71 33.39 -42.00 -9.32
N GLY C 72 33.77 -42.94 -8.44
CA GLY C 72 32.84 -43.63 -7.52
C GLY C 72 32.27 -42.71 -6.43
N ASP C 73 33.18 -41.98 -5.79
CA ASP C 73 32.82 -40.98 -4.83
C ASP C 73 31.84 -39.94 -5.37
N PHE C 74 32.05 -39.50 -6.61
CA PHE C 74 31.23 -38.46 -7.22
C PHE C 74 29.85 -39.01 -7.47
N ALA C 75 29.79 -40.26 -7.84
CA ALA C 75 28.52 -40.90 -8.15
C ALA C 75 27.66 -41.01 -6.90
N GLU C 76 28.28 -41.48 -5.83
CA GLU C 76 27.71 -41.56 -4.49
C GLU C 76 27.33 -40.16 -3.99
N MET C 77 28.15 -39.18 -4.34
CA MET C 77 27.85 -37.83 -3.90
C MET C 77 26.56 -37.37 -4.56
N SER C 78 26.51 -37.46 -5.89
CA SER C 78 25.32 -37.12 -6.67
C SER C 78 24.06 -37.74 -6.13
N SER C 79 24.14 -39.00 -5.70
CA SER C 79 22.93 -39.71 -5.32
C SER C 79 22.50 -39.25 -3.92
N GLN C 80 23.37 -38.49 -3.26
CA GLN C 80 23.05 -38.05 -1.90
C GLN C 80 22.83 -36.57 -1.77
N LEU C 81 23.08 -35.83 -2.84
CA LEU C 81 23.00 -34.36 -2.85
C LEU C 81 21.62 -33.84 -2.49
N HIS C 82 20.57 -34.42 -3.06
CA HIS C 82 19.17 -33.97 -2.83
C HIS C 82 19.01 -32.48 -2.99
N LEU C 83 19.49 -31.98 -4.11
CA LEU C 83 19.62 -30.54 -4.37
C LEU C 83 18.26 -29.93 -4.60
N THR C 84 17.92 -28.90 -3.81
CA THR C 84 16.75 -28.09 -4.08
C THR C 84 17.11 -26.63 -3.83
N PRO C 85 16.26 -25.72 -4.30
CA PRO C 85 16.46 -24.30 -3.97
C PRO C 85 16.58 -24.10 -2.45
N PHE C 86 16.03 -25.00 -1.64
CA PHE C 86 16.20 -24.88 -0.18
C PHE C 86 17.54 -25.34 0.34
N THR C 87 18.15 -26.33 -0.33
CA THR C 87 19.34 -26.97 0.25
C THR C 87 20.62 -26.42 -0.38
N ALA C 88 20.48 -25.91 -1.59
CA ALA C 88 21.61 -25.47 -2.44
C ALA C 88 22.71 -24.72 -1.67
N ARG C 89 22.33 -23.62 -1.05
CA ARG C 89 23.24 -22.76 -0.31
C ARG C 89 23.98 -23.51 0.78
N GLY C 90 23.18 -24.21 1.59
CA GLY C 90 23.63 -25.17 2.60
C GLY C 90 24.67 -26.16 2.12
N ARG C 91 24.42 -26.83 1.00
CA ARG C 91 25.35 -27.84 0.48
C ARG C 91 26.68 -27.25 0.08
N PHE C 92 26.59 -26.13 -0.63
CA PHE C 92 27.73 -25.45 -1.11
C PHE C 92 28.58 -25.09 0.12
N ALA C 93 27.97 -24.45 1.11
CA ALA C 93 28.75 -23.98 2.25
C ALA C 93 29.26 -25.18 3.03
N THR C 94 28.48 -26.25 3.08
CA THR C 94 28.90 -27.44 3.85
C THR C 94 30.13 -28.07 3.16
N VAL C 95 30.03 -28.25 1.84
CA VAL C 95 31.11 -28.93 1.13
C VAL C 95 32.44 -28.16 1.18
N VAL C 96 32.35 -26.89 0.85
CA VAL C 96 33.50 -26.00 0.72
C VAL C 96 34.18 -25.78 2.08
N GLU C 97 33.40 -25.69 3.15
CA GLU C 97 34.02 -25.61 4.48
C GLU C 97 34.77 -26.89 4.86
N GLU C 98 34.19 -28.03 4.54
CA GLU C 98 34.83 -29.28 4.83
C GLU C 98 36.06 -29.43 3.91
N LEU C 99 35.88 -29.18 2.62
CA LEU C 99 37.01 -29.23 1.70
C LEU C 99 38.25 -28.42 2.13
N PHE C 100 38.07 -27.25 2.75
CA PHE C 100 39.19 -26.38 3.01
C PHE C 100 39.49 -26.21 4.48
N ARG C 101 38.84 -27.00 5.32
CA ARG C 101 39.04 -26.80 6.74
C ARG C 101 40.50 -27.01 7.23
N ASP C 102 41.23 -27.94 6.63
CA ASP C 102 42.64 -28.20 6.97
C ASP C 102 43.61 -27.35 6.17
N GLY C 103 43.12 -26.38 5.41
CA GLY C 103 44.00 -25.63 4.52
C GLY C 103 43.69 -25.79 3.02
N VAL C 104 44.50 -25.11 2.22
CA VAL C 104 44.29 -24.98 0.80
C VAL C 104 45.47 -25.61 0.07
N ASN C 105 45.17 -26.26 -1.07
CA ASN C 105 46.19 -26.58 -2.09
C ASN C 105 45.51 -26.68 -3.43
N TRP C 106 46.30 -26.83 -4.50
CA TRP C 106 45.75 -26.88 -5.86
C TRP C 106 44.77 -28.00 -6.05
N GLY C 107 45.14 -29.21 -5.59
CA GLY C 107 44.20 -30.36 -5.59
C GLY C 107 42.83 -29.98 -5.07
N ARG C 108 42.81 -29.35 -3.90
CA ARG C 108 41.55 -28.95 -3.27
C ARG C 108 40.79 -27.89 -4.08
N ILE C 109 41.52 -27.03 -4.76
CA ILE C 109 40.90 -26.00 -5.60
C ILE C 109 40.33 -26.64 -6.85
N VAL C 110 41.03 -27.64 -7.37
CA VAL C 110 40.48 -28.43 -8.43
C VAL C 110 39.17 -29.09 -7.95
N ALA C 111 39.21 -29.70 -6.77
CA ALA C 111 37.99 -30.29 -6.19
C ALA C 111 36.83 -29.27 -6.08
N PHE C 112 37.15 -28.10 -5.57
CA PHE C 112 36.19 -27.01 -5.45
C PHE C 112 35.53 -26.80 -6.83
N PHE C 113 36.32 -26.74 -7.88
CA PHE C 113 35.72 -26.46 -9.19
C PHE C 113 34.85 -27.62 -9.64
N GLU C 114 35.36 -28.83 -9.42
CA GLU C 114 34.57 -29.99 -9.81
C GLU C 114 33.26 -30.12 -9.05
N PHE C 115 33.27 -29.75 -7.79
CA PHE C 115 32.05 -29.81 -7.02
C PHE C 115 31.05 -28.77 -7.53
N GLY C 116 31.52 -27.58 -7.90
CA GLY C 116 30.59 -26.57 -8.43
C GLY C 116 29.97 -27.09 -9.73
N GLY C 117 30.84 -27.72 -10.54
CA GLY C 117 30.46 -28.36 -11.78
C GLY C 117 29.37 -29.36 -11.49
N VAL C 118 29.55 -30.20 -10.50
CA VAL C 118 28.52 -31.19 -10.17
C VAL C 118 27.21 -30.51 -9.79
N MET C 119 27.28 -29.44 -9.02
CA MET C 119 26.06 -28.76 -8.58
C MET C 119 25.29 -28.06 -9.72
N CYS C 120 26.00 -27.48 -10.67
CA CYS C 120 25.36 -26.80 -11.80
C CYS C 120 24.72 -27.81 -12.74
N VAL C 121 25.37 -28.97 -12.89
CA VAL C 121 24.80 -30.10 -13.62
C VAL C 121 23.59 -30.76 -12.94
N GLU C 122 23.64 -30.99 -11.61
CA GLU C 122 22.43 -31.42 -10.90
C GLU C 122 21.29 -30.45 -11.11
N SER C 123 21.56 -29.16 -11.04
CA SER C 123 20.54 -28.10 -11.14
C SER C 123 19.85 -28.18 -12.47
N VAL C 124 20.64 -28.40 -13.52
CA VAL C 124 20.05 -28.50 -14.85
C VAL C 124 19.19 -29.76 -14.95
N ASN C 125 19.76 -30.91 -14.56
CA ASN C 125 19.02 -32.19 -14.61
C ASN C 125 17.70 -32.06 -13.90
N ARG C 126 17.70 -31.53 -12.67
CA ARG C 126 16.47 -31.47 -11.88
C ARG C 126 15.52 -30.31 -12.25
N GLU C 127 15.81 -29.60 -13.34
CA GLU C 127 15.02 -28.42 -13.75
C GLU C 127 15.04 -27.29 -12.73
N MET C 128 16.24 -26.98 -12.22
CA MET C 128 16.39 -25.87 -11.30
C MET C 128 17.50 -25.01 -11.84
N SER C 129 17.47 -24.76 -13.14
CA SER C 129 18.57 -24.02 -13.79
C SER C 129 18.86 -22.59 -13.27
N PRO C 130 17.94 -21.99 -12.50
CA PRO C 130 18.33 -20.63 -12.06
C PRO C 130 19.30 -20.69 -10.88
N LEU C 131 19.56 -21.91 -10.41
CA LEU C 131 20.59 -22.16 -9.39
C LEU C 131 22.05 -22.02 -9.90
N VAL C 132 22.25 -22.19 -11.19
CA VAL C 132 23.52 -22.05 -11.80
C VAL C 132 24.09 -20.63 -11.55
N ASP C 133 23.30 -19.60 -11.74
CA ASP C 133 23.78 -18.28 -11.43
C ASP C 133 24.09 -18.15 -9.94
N ASN C 134 23.22 -18.71 -9.10
CA ASN C 134 23.48 -18.69 -7.67
C ASN C 134 24.86 -19.34 -7.36
N ILE C 135 25.05 -20.58 -7.81
CA ILE C 135 26.32 -21.27 -7.70
C ILE C 135 27.50 -20.60 -8.38
N ALA C 136 27.31 -20.02 -9.57
CA ALA C 136 28.35 -19.14 -10.14
C ALA C 136 28.75 -18.03 -9.17
N LEU C 137 27.75 -17.37 -8.59
CA LEU C 137 28.07 -16.29 -7.65
C LEU C 137 28.85 -16.81 -6.42
N TRP C 138 28.53 -18.00 -5.89
CA TRP C 138 29.15 -18.39 -4.61
C TRP C 138 30.55 -18.80 -4.83
N MET C 139 30.78 -19.40 -5.99
CA MET C 139 32.10 -19.80 -6.42
C MET C 139 32.98 -18.56 -6.55
N THR C 140 32.51 -17.56 -7.29
CA THR C 140 33.22 -16.29 -7.42
C THR C 140 33.57 -15.62 -6.09
N GLU C 141 32.57 -15.47 -5.21
CA GLU C 141 32.73 -14.90 -3.89
C GLU C 141 33.70 -15.74 -3.07
N TYR C 142 33.53 -17.07 -3.06
CA TYR C 142 34.48 -17.87 -2.31
C TYR C 142 35.87 -17.66 -2.86
N LEU C 143 36.04 -17.65 -4.18
CA LEU C 143 37.39 -17.44 -4.69
C LEU C 143 37.93 -16.06 -4.27
N ASN C 144 37.12 -15.03 -4.32
CA ASN C 144 37.63 -13.70 -4.01
C ASN C 144 37.85 -13.37 -2.54
N ARG C 145 37.00 -13.93 -1.65
CA ARG C 145 37.02 -13.62 -0.21
C ARG C 145 37.97 -14.54 0.53
N HIS C 146 37.95 -15.83 0.19
CA HIS C 146 38.56 -16.83 1.04
C HIS C 146 39.71 -17.52 0.42
N LEU C 147 39.87 -17.50 -0.91
CA LEU C 147 40.95 -18.31 -1.49
C LEU C 147 42.03 -17.48 -2.19
N HIS C 148 41.71 -16.21 -2.43
CA HIS C 148 42.63 -15.27 -3.11
C HIS C 148 43.96 -15.19 -2.45
N THR C 149 43.92 -15.12 -1.14
CA THR C 149 45.08 -15.07 -0.26
C THR C 149 46.04 -16.20 -0.57
N TRP C 150 45.52 -17.41 -0.54
CA TRP C 150 46.39 -18.54 -0.65
C TRP C 150 46.95 -18.66 -2.06
N ILE C 151 46.16 -18.18 -3.01
CA ILE C 151 46.51 -18.26 -4.41
C ILE C 151 47.65 -17.33 -4.75
N GLN C 152 47.52 -16.11 -4.26
CA GLN C 152 48.56 -15.09 -4.41
C GLN C 152 49.86 -15.47 -3.76
N ASP C 153 49.78 -15.98 -2.54
CA ASP C 153 50.98 -16.47 -1.85
C ASP C 153 51.65 -17.65 -2.53
N ASN C 154 50.95 -18.34 -3.43
CA ASN C 154 51.55 -19.54 -4.02
C ASN C 154 51.82 -19.41 -5.52
N GLY C 155 52.13 -18.20 -5.95
CA GLY C 155 52.44 -17.97 -7.35
C GLY C 155 51.31 -17.39 -8.18
N GLY C 156 50.10 -17.31 -7.63
CA GLY C 156 48.95 -16.84 -8.40
C GLY C 156 48.54 -17.87 -9.46
N TRP C 157 47.43 -17.63 -10.16
CA TRP C 157 47.05 -18.48 -11.30
C TRP C 157 48.19 -18.92 -12.20
N ASP C 158 49.15 -18.02 -12.46
CA ASP C 158 50.36 -18.38 -13.23
C ASP C 158 51.06 -19.66 -12.80
N ALA C 159 51.17 -19.86 -11.48
CA ALA C 159 51.81 -21.06 -10.93
C ALA C 159 51.05 -22.26 -11.38
N PHE C 160 49.72 -22.13 -11.47
CA PHE C 160 48.91 -23.29 -11.80
C PHE C 160 48.94 -23.63 -13.28
N VAL C 161 48.94 -22.60 -14.11
CA VAL C 161 49.05 -22.78 -15.54
C VAL C 161 50.33 -23.59 -15.78
N GLU C 162 51.40 -23.25 -15.08
CA GLU C 162 52.63 -23.96 -15.31
C GLU C 162 52.71 -25.40 -14.76
N LEU C 163 51.94 -25.69 -13.74
CA LEU C 163 51.77 -27.05 -13.33
C LEU C 163 51.02 -27.77 -14.44
N TYR C 164 49.91 -27.21 -14.88
CA TYR C 164 48.91 -28.06 -15.54
C TYR C 164 48.28 -27.66 -16.88
N GLY C 165 48.76 -26.62 -17.56
CA GLY C 165 48.20 -26.28 -18.88
C GLY C 165 49.01 -26.75 -20.07
N TYR D 12 11.63 21.41 30.74
CA TYR D 12 10.42 20.94 31.47
C TYR D 12 10.87 20.01 32.58
N ASP D 13 11.34 18.85 32.17
CA ASP D 13 12.46 18.17 32.82
C ASP D 13 13.03 17.17 31.82
N ASN D 14 14.30 17.37 31.49
CA ASN D 14 14.94 16.46 30.58
C ASN D 14 14.60 15.00 30.88
N ARG D 15 14.72 14.61 32.15
CA ARG D 15 14.48 13.22 32.54
C ARG D 15 13.05 12.81 32.20
N GLU D 16 12.07 13.65 32.48
CA GLU D 16 10.70 13.31 32.09
C GLU D 16 10.60 13.12 30.57
N ILE D 17 11.22 14.03 29.83
CA ILE D 17 11.16 14.03 28.38
C ILE D 17 11.72 12.75 27.77
N VAL D 18 12.85 12.29 28.31
CA VAL D 18 13.47 11.04 27.89
C VAL D 18 12.62 9.83 28.28
N MET D 19 12.04 9.88 29.47
CA MET D 19 11.28 8.73 30.00
C MET D 19 10.02 8.49 29.18
N LYS D 20 9.34 9.58 28.85
CA LYS D 20 8.14 9.60 28.01
C LYS D 20 8.38 9.13 26.57
N TYR D 21 9.46 9.61 25.99
CA TYR D 21 9.80 9.23 24.65
C TYR D 21 10.17 7.74 24.59
N ILE D 22 10.83 7.22 25.63
CA ILE D 22 11.15 5.80 25.61
C ILE D 22 9.99 4.88 25.81
N HIS D 23 9.17 5.18 26.82
CA HIS D 23 7.88 4.49 27.01
C HIS D 23 7.15 4.46 25.69
N TYR D 24 6.99 5.63 25.08
CA TYR D 24 6.34 5.70 23.81
C TYR D 24 6.95 4.75 22.77
N LYS D 25 8.22 4.93 22.41
CA LYS D 25 8.88 4.03 21.46
C LYS D 25 8.72 2.55 21.80
N LEU D 26 8.83 2.17 23.06
CA LEU D 26 8.68 0.73 23.39
C LEU D 26 7.26 0.23 23.18
N SER D 27 6.29 1.09 23.52
CA SER D 27 4.89 0.85 23.28
C SER D 27 4.57 0.55 21.83
N GLN D 28 5.07 1.39 20.92
CA GLN D 28 5.01 1.13 19.48
C GLN D 28 5.39 -0.32 19.11
N ARG D 29 6.19 -0.97 19.95
CA ARG D 29 6.62 -2.34 19.69
C ARG D 29 6.07 -3.34 20.69
N GLY D 30 4.98 -2.98 21.37
CA GLY D 30 4.28 -3.91 22.27
C GLY D 30 5.07 -4.35 23.49
N TYR D 31 5.93 -3.47 23.99
CA TYR D 31 6.62 -3.74 25.26
C TYR D 31 6.28 -2.66 26.28
N GLU D 32 5.88 -3.08 27.47
CA GLU D 32 5.47 -2.17 28.53
C GLU D 32 6.62 -1.87 29.46
N TRP D 33 6.83 -0.59 29.73
CA TRP D 33 7.99 -0.18 30.49
C TRP D 33 7.67 1.04 31.30
N ASP D 34 7.81 0.93 32.63
CA ASP D 34 7.69 2.10 33.52
C ASP D 34 8.97 2.35 34.34
N SER D 52 5.38 19.50 30.15
CA SER D 52 4.04 20.09 30.01
C SER D 52 3.29 19.49 28.81
N GLU D 53 3.56 18.21 28.55
CA GLU D 53 2.88 17.39 27.53
C GLU D 53 3.12 17.71 26.06
N VAL D 54 3.03 18.99 25.68
CA VAL D 54 3.03 19.30 24.27
C VAL D 54 4.40 19.01 23.64
N VAL D 55 5.47 19.33 24.36
CA VAL D 55 6.82 18.94 23.94
C VAL D 55 6.91 17.46 23.53
N HIS D 56 6.21 16.60 24.27
CA HIS D 56 6.32 15.14 24.07
C HIS D 56 5.63 14.69 22.81
N LEU D 57 4.59 15.39 22.41
CA LEU D 57 3.78 15.01 21.26
C LEU D 57 4.51 15.45 19.99
N ALA D 58 5.00 16.68 20.04
CA ALA D 58 5.78 17.26 18.97
C ALA D 58 7.06 16.45 18.73
N LEU D 59 7.77 16.14 19.81
CA LEU D 59 9.04 15.44 19.67
C LEU D 59 8.84 14.07 19.08
N ARG D 60 7.81 13.39 19.49
CA ARG D 60 7.58 12.09 18.89
C ARG D 60 7.09 12.11 17.45
N GLN D 61 6.27 13.09 17.10
CA GLN D 61 5.82 13.29 15.73
C GLN D 61 6.98 13.57 14.74
N ALA D 62 7.88 14.45 15.15
CA ALA D 62 9.11 14.73 14.40
C ALA D 62 9.98 13.47 14.29
N GLY D 63 10.07 12.75 15.38
CA GLY D 63 10.84 11.53 15.49
C GLY D 63 10.35 10.50 14.54
N ASP D 64 9.02 10.28 14.49
CA ASP D 64 8.43 9.36 13.53
C ASP D 64 8.70 9.72 12.06
N ASP D 65 8.65 11.02 11.72
CA ASP D 65 8.91 11.46 10.33
C ASP D 65 10.39 11.29 10.03
N PHE D 66 11.23 11.43 11.04
CA PHE D 66 12.67 11.27 10.85
C PHE D 66 13.00 9.82 10.60
N SER D 67 12.43 8.90 11.38
CA SER D 67 12.82 7.49 11.21
C SER D 67 12.20 6.89 9.97
N ARG D 68 10.97 7.30 9.61
CA ARG D 68 10.47 6.98 8.28
C ARG D 68 11.36 7.48 7.15
N ARG D 69 11.76 8.75 7.20
CA ARG D 69 12.64 9.29 6.15
C ARG D 69 13.94 8.45 5.97
N TYR D 70 14.55 8.01 7.08
CA TYR D 70 15.81 7.26 7.02
C TYR D 70 15.58 5.84 7.44
N ARG D 71 14.46 5.27 7.00
CA ARG D 71 14.03 3.92 7.41
C ARG D 71 15.08 2.82 7.21
N GLY D 72 15.69 2.82 6.02
CA GLY D 72 16.70 1.81 5.60
C GLY D 72 17.98 1.97 6.37
N ASP D 73 18.40 3.22 6.52
CA ASP D 73 19.51 3.56 7.38
C ASP D 73 19.34 3.07 8.82
N PHE D 74 18.15 3.23 9.41
CA PHE D 74 17.85 2.63 10.72
C PHE D 74 17.85 1.10 10.71
N ALA D 75 17.36 0.49 9.64
CA ALA D 75 17.35 -0.97 9.65
C ALA D 75 18.82 -1.51 9.55
N GLU D 76 19.64 -0.99 8.65
CA GLU D 76 21.10 -1.29 8.63
C GLU D 76 21.69 -1.05 10.02
N MET D 77 21.47 0.14 10.58
CA MET D 77 21.90 0.37 11.97
C MET D 77 21.49 -0.72 12.99
N SER D 78 20.20 -1.05 13.07
CA SER D 78 19.73 -2.12 13.98
C SER D 78 20.53 -3.40 13.79
N SER D 79 20.80 -3.77 12.57
CA SER D 79 21.34 -5.09 12.36
C SER D 79 22.85 -5.16 12.65
N GLN D 80 23.48 -4.01 12.96
CA GLN D 80 24.92 -3.81 12.96
C GLN D 80 25.32 -3.30 14.32
N LEU D 81 24.36 -3.22 15.22
CA LEU D 81 24.55 -2.76 16.58
C LEU D 81 25.35 -3.68 17.46
N HIS D 82 25.06 -4.99 17.38
CA HIS D 82 25.73 -6.04 18.17
C HIS D 82 25.80 -5.66 19.60
N LEU D 83 24.62 -5.50 20.17
CA LEU D 83 24.44 -4.91 21.48
C LEU D 83 24.60 -5.96 22.60
N THR D 84 25.34 -5.60 23.64
CA THR D 84 25.50 -6.40 24.84
C THR D 84 25.67 -5.41 25.98
N PRO D 85 25.53 -5.86 27.23
CA PRO D 85 25.91 -4.96 28.35
C PRO D 85 27.34 -4.37 28.27
N PHE D 86 28.22 -4.95 27.44
CA PHE D 86 29.61 -4.44 27.34
C PHE D 86 29.79 -3.37 26.29
N THR D 87 29.05 -3.47 25.20
CA THR D 87 29.19 -2.55 24.06
C THR D 87 28.24 -1.36 24.13
N ALA D 88 27.19 -1.48 24.94
CA ALA D 88 26.10 -0.51 24.83
C ALA D 88 26.57 0.90 24.99
N ARG D 89 27.35 1.13 26.04
CA ARG D 89 27.86 2.46 26.34
C ARG D 89 28.72 3.05 25.20
N GLY D 90 29.60 2.23 24.62
CA GLY D 90 30.47 2.63 23.51
C GLY D 90 29.67 2.96 22.27
N ARG D 91 28.59 2.20 22.01
CA ARG D 91 27.75 2.50 20.83
C ARG D 91 27.10 3.81 21.04
N PHE D 92 26.52 4.00 22.22
CA PHE D 92 25.79 5.23 22.48
C PHE D 92 26.77 6.38 22.27
N ALA D 93 27.96 6.27 22.85
CA ALA D 93 28.92 7.38 22.84
C ALA D 93 29.54 7.64 21.47
N THR D 94 29.85 6.62 20.67
CA THR D 94 30.39 6.81 19.35
C THR D 94 29.34 7.54 18.49
N VAL D 95 28.07 7.08 18.58
CA VAL D 95 27.02 7.60 17.69
C VAL D 95 26.74 9.04 18.03
N VAL D 96 26.65 9.33 19.31
CA VAL D 96 26.31 10.67 19.72
C VAL D 96 27.47 11.68 19.48
N GLU D 97 28.69 11.27 19.83
CA GLU D 97 29.89 12.04 19.49
C GLU D 97 29.86 12.46 17.99
N GLU D 98 29.75 11.51 17.06
CA GLU D 98 29.61 11.81 15.63
C GLU D 98 28.42 12.72 15.29
N LEU D 99 27.29 12.42 15.91
CA LEU D 99 26.08 13.09 15.59
C LEU D 99 26.21 14.57 15.84
N PHE D 100 26.82 14.96 16.97
CA PHE D 100 26.93 16.38 17.33
C PHE D 100 28.32 16.96 17.10
N ARG D 101 29.09 16.25 16.28
CA ARG D 101 30.46 16.61 15.93
C ARG D 101 30.61 18.03 15.35
N ASP D 102 29.64 18.47 14.55
CA ASP D 102 29.72 19.79 13.96
C ASP D 102 28.71 20.77 14.53
N GLY D 103 28.29 20.55 15.76
CA GLY D 103 27.30 21.41 16.40
C GLY D 103 25.87 20.85 16.48
N VAL D 104 24.98 21.66 17.00
CA VAL D 104 23.68 21.21 17.37
C VAL D 104 22.62 21.90 16.54
N ASN D 105 21.52 21.19 16.31
CA ASN D 105 20.30 21.80 15.83
C ASN D 105 19.22 20.79 16.11
N TRP D 106 17.99 21.11 15.73
CA TRP D 106 16.85 20.34 16.16
C TRP D 106 16.73 19.04 15.40
N GLY D 107 17.01 19.07 14.10
CA GLY D 107 17.11 17.81 13.38
C GLY D 107 17.94 16.81 14.14
N ARG D 108 19.14 17.21 14.57
CA ARG D 108 20.06 16.28 15.19
C ARG D 108 19.56 15.93 16.57
N ILE D 109 18.99 16.92 17.27
CA ILE D 109 18.32 16.53 18.47
C ILE D 109 17.23 15.52 18.18
N VAL D 110 16.46 15.64 17.08
CA VAL D 110 15.44 14.59 16.82
C VAL D 110 16.11 13.26 16.55
N ALA D 111 17.26 13.31 15.85
CA ALA D 111 18.08 12.13 15.54
C ALA D 111 18.52 11.42 16.80
N PHE D 112 19.01 12.20 17.74
CA PHE D 112 19.45 11.69 19.04
C PHE D 112 18.31 10.92 19.74
N PHE D 113 17.10 11.48 19.78
CA PHE D 113 16.00 10.74 20.36
C PHE D 113 15.68 9.45 19.64
N GLU D 114 15.70 9.49 18.32
CA GLU D 114 15.30 8.33 17.57
C GLU D 114 16.35 7.28 17.75
N PHE D 115 17.62 7.72 17.82
CA PHE D 115 18.68 6.78 18.08
C PHE D 115 18.53 6.09 19.44
N GLY D 116 18.38 6.87 20.52
CA GLY D 116 18.11 6.27 21.83
C GLY D 116 17.05 5.21 21.63
N GLY D 117 15.97 5.58 20.93
CA GLY D 117 14.79 4.72 20.82
C GLY D 117 15.16 3.40 20.22
N VAL D 118 16.03 3.40 19.21
CA VAL D 118 16.41 2.19 18.50
C VAL D 118 17.24 1.26 19.39
N MET D 119 18.00 1.87 20.29
CA MET D 119 18.80 1.13 21.22
C MET D 119 17.95 0.44 22.28
N CYS D 120 16.96 1.13 22.83
CA CYS D 120 15.98 0.50 23.75
C CYS D 120 15.20 -0.66 23.11
N VAL D 121 14.74 -0.46 21.87
CA VAL D 121 14.05 -1.53 21.14
C VAL D 121 15.02 -2.66 20.88
N GLU D 122 16.29 -2.37 20.60
CA GLU D 122 17.23 -3.47 20.39
C GLU D 122 17.47 -4.28 21.68
N SER D 123 17.58 -3.54 22.78
CA SER D 123 17.67 -4.08 24.11
C SER D 123 16.59 -5.10 24.44
N VAL D 124 15.33 -4.67 24.40
CA VAL D 124 14.18 -5.59 24.57
C VAL D 124 14.17 -6.79 23.56
N ASN D 125 14.42 -6.52 22.27
CA ASN D 125 14.54 -7.57 21.23
C ASN D 125 15.49 -8.68 21.59
N ARG D 126 16.48 -8.35 22.43
CA ARG D 126 17.67 -9.21 22.66
C ARG D 126 17.68 -9.64 24.11
N GLU D 127 16.57 -9.43 24.79
CA GLU D 127 16.43 -9.88 26.15
C GLU D 127 17.48 -9.32 27.08
N MET D 128 17.77 -8.03 26.89
CA MET D 128 18.66 -7.31 27.77
C MET D 128 17.92 -6.07 28.22
N SER D 129 16.69 -6.28 28.68
CA SER D 129 15.77 -5.19 28.93
C SER D 129 16.19 -4.27 30.11
N PRO D 130 17.25 -4.64 30.84
CA PRO D 130 17.64 -3.63 31.82
C PRO D 130 18.52 -2.54 31.22
N LEU D 131 19.11 -2.79 30.05
CA LEU D 131 19.91 -1.77 29.35
C LEU D 131 19.08 -0.53 29.15
N VAL D 132 17.76 -0.74 29.02
CA VAL D 132 16.83 0.35 28.78
C VAL D 132 17.00 1.47 29.79
N ASP D 133 16.97 1.12 31.07
CA ASP D 133 17.26 2.09 32.14
C ASP D 133 18.65 2.75 31.95
N ASN D 134 19.64 1.97 31.51
CA ASN D 134 20.99 2.52 31.26
C ASN D 134 21.00 3.58 30.13
N ILE D 135 20.25 3.30 29.06
CA ILE D 135 20.12 4.20 27.94
C ILE D 135 19.37 5.49 28.31
N ALA D 136 18.27 5.33 29.02
CA ALA D 136 17.54 6.48 29.53
C ALA D 136 18.43 7.42 30.37
N LEU D 137 19.20 6.84 31.27
CA LEU D 137 20.12 7.62 32.07
C LEU D 137 21.18 8.33 31.23
N TRP D 138 21.71 7.65 30.19
CA TRP D 138 22.76 8.29 29.37
C TRP D 138 22.25 9.43 28.51
N MET D 139 21.07 9.24 27.92
CA MET D 139 20.41 10.30 27.17
C MET D 139 20.17 11.50 28.08
N THR D 140 19.62 11.24 29.26
CA THR D 140 19.36 12.25 30.24
C THR D 140 20.64 13.02 30.55
N GLU D 141 21.68 12.31 30.96
CA GLU D 141 22.97 12.93 31.29
C GLU D 141 23.47 13.85 30.15
N TYR D 142 23.60 13.29 28.96
CA TYR D 142 24.01 14.02 27.79
C TYR D 142 23.20 15.32 27.52
N LEU D 143 21.87 15.24 27.42
CA LEU D 143 21.04 16.45 27.43
C LEU D 143 21.47 17.47 28.47
N ASN D 144 21.73 17.01 29.70
CA ASN D 144 22.02 17.90 30.83
C ASN D 144 23.39 18.57 30.79
N ARG D 145 24.36 17.88 30.22
CA ARG D 145 25.73 18.37 30.25
C ARG D 145 26.19 18.89 28.89
N HIS D 146 25.47 18.55 27.83
CA HIS D 146 26.05 18.75 26.50
C HIS D 146 25.13 19.36 25.52
N LEU D 147 23.84 19.40 25.85
CA LEU D 147 22.85 19.95 24.92
C LEU D 147 22.09 21.10 25.55
N HIS D 148 22.15 21.14 26.88
CA HIS D 148 21.43 22.14 27.64
C HIS D 148 21.81 23.56 27.30
N THR D 149 23.09 23.83 27.14
CA THR D 149 23.55 25.19 26.81
C THR D 149 22.90 25.65 25.49
N TRP D 150 22.86 24.75 24.51
CA TRP D 150 22.31 25.10 23.22
C TRP D 150 20.81 25.27 23.24
N ILE D 151 20.13 24.36 23.95
CA ILE D 151 18.68 24.40 23.99
C ILE D 151 18.27 25.70 24.64
N GLN D 152 18.90 26.00 25.77
CA GLN D 152 18.68 27.29 26.45
C GLN D 152 18.89 28.52 25.58
N ASP D 153 20.09 28.66 25.05
CA ASP D 153 20.43 29.79 24.19
C ASP D 153 19.45 29.91 23.02
N ASN D 154 18.76 28.82 22.70
CA ASN D 154 17.88 28.81 21.54
C ASN D 154 16.44 28.82 22.01
N GLY D 155 16.27 29.24 23.27
CA GLY D 155 14.97 29.54 23.85
C GLY D 155 14.30 28.34 24.51
N GLY D 156 15.07 27.32 24.85
CA GLY D 156 14.56 26.13 25.53
C GLY D 156 13.60 25.33 24.65
N TRP D 157 12.96 24.34 25.25
CA TRP D 157 12.09 23.42 24.53
C TRP D 157 10.88 24.06 23.89
N ASP D 158 10.38 25.13 24.49
CA ASP D 158 9.16 25.79 23.99
C ASP D 158 9.43 26.26 22.59
N ALA D 159 10.62 26.81 22.39
CA ALA D 159 11.00 27.30 21.08
C ALA D 159 10.71 26.22 20.05
N PHE D 160 11.15 24.98 20.34
CA PHE D 160 10.91 23.86 19.44
C PHE D 160 9.45 23.53 19.27
N VAL D 161 8.72 23.43 20.37
CA VAL D 161 7.29 23.14 20.32
C VAL D 161 6.58 24.02 19.30
N GLU D 162 6.90 25.30 19.28
CA GLU D 162 6.32 26.13 18.25
C GLU D 162 6.42 25.36 16.93
N LEU D 163 7.65 25.08 16.50
CA LEU D 163 7.93 24.57 15.18
C LEU D 163 7.47 23.13 15.15
N TYR D 164 6.28 22.88 14.66
CA TYR D 164 5.54 21.64 15.10
C TYR D 164 4.40 22.02 16.14
N GLY D 165 3.84 21.07 16.89
CA GLY D 165 2.52 21.27 17.58
C GLY D 165 1.72 22.44 17.04
N ASP E 13 0.97 7.43 -19.50
CA ASP E 13 -0.20 7.94 -20.30
C ASP E 13 -1.37 6.98 -20.10
N ASN E 14 -2.48 7.54 -19.62
CA ASN E 14 -3.58 6.73 -19.16
C ASN E 14 -4.36 6.16 -20.34
N ARG E 15 -4.30 6.87 -21.47
CA ARG E 15 -4.89 6.42 -22.72
C ARG E 15 -4.26 5.10 -23.17
N GLU E 16 -2.94 4.99 -23.14
CA GLU E 16 -2.27 3.74 -23.56
C GLU E 16 -2.68 2.57 -22.67
N ILE E 17 -2.70 2.82 -21.37
CA ILE E 17 -3.13 1.83 -20.39
C ILE E 17 -4.59 1.40 -20.64
N VAL E 18 -5.44 2.34 -21.02
CA VAL E 18 -6.84 2.01 -21.35
C VAL E 18 -6.91 1.17 -22.62
N MET E 19 -6.25 1.65 -23.68
CA MET E 19 -6.19 0.96 -24.97
C MET E 19 -5.65 -0.47 -24.88
N LYS E 20 -4.53 -0.66 -24.16
CA LYS E 20 -3.93 -2.00 -23.98
C LYS E 20 -4.82 -2.94 -23.17
N TYR E 21 -5.47 -2.43 -22.14
CA TYR E 21 -6.39 -3.23 -21.38
C TYR E 21 -7.65 -3.59 -22.13
N ILE E 22 -8.26 -2.63 -22.79
CA ILE E 22 -9.45 -2.96 -23.58
C ILE E 22 -9.13 -3.93 -24.72
N HIS E 23 -8.04 -3.65 -25.42
CA HIS E 23 -7.43 -4.58 -26.40
C HIS E 23 -7.31 -5.99 -25.84
N TYR E 24 -6.78 -6.12 -24.62
CA TYR E 24 -6.73 -7.45 -23.98
C TYR E 24 -8.07 -8.12 -23.66
N LYS E 25 -9.00 -7.38 -23.06
CA LYS E 25 -10.31 -7.91 -22.77
C LYS E 25 -11.11 -8.37 -24.01
N LEU E 26 -11.01 -7.61 -25.11
CA LEU E 26 -11.64 -8.00 -26.39
C LEU E 26 -10.90 -9.20 -26.97
N SER E 27 -9.57 -9.17 -26.88
CA SER E 27 -8.70 -10.24 -27.38
C SER E 27 -8.96 -11.58 -26.72
N GLN E 28 -9.02 -11.58 -25.39
CA GLN E 28 -9.56 -12.72 -24.65
C GLN E 28 -10.68 -13.37 -25.45
N ARG E 29 -11.71 -12.60 -25.81
CA ARG E 29 -12.86 -13.10 -26.57
C ARG E 29 -12.72 -12.86 -28.09
N GLY E 30 -11.69 -13.47 -28.67
CA GLY E 30 -11.30 -13.21 -30.06
C GLY E 30 -12.02 -12.11 -30.84
N TYR E 31 -11.82 -10.85 -30.44
CA TYR E 31 -12.17 -9.72 -31.31
C TYR E 31 -10.96 -8.82 -31.38
N GLU E 32 -10.53 -8.50 -32.59
CA GLU E 32 -9.32 -7.71 -32.75
C GLU E 32 -9.68 -6.29 -33.16
N TRP E 33 -9.18 -5.33 -32.39
CA TRP E 33 -9.71 -4.00 -32.38
C TRP E 33 -8.63 -3.00 -32.74
N ASP E 34 -9.04 -1.82 -33.20
CA ASP E 34 -8.13 -0.81 -33.75
C ASP E 34 -7.36 0.04 -32.71
N ALA E 35 -6.30 -0.53 -32.13
CA ALA E 35 -5.31 0.22 -31.32
C ALA E 35 -4.07 0.56 -32.15
N VAL E 54 4.35 -3.19 -17.90
CA VAL E 54 4.40 -3.55 -16.47
C VAL E 54 3.09 -3.23 -15.72
N VAL E 55 2.58 -2.01 -15.86
CA VAL E 55 1.29 -1.71 -15.27
C VAL E 55 0.24 -2.58 -15.95
N HIS E 56 0.41 -2.75 -17.27
CA HIS E 56 -0.50 -3.52 -18.12
C HIS E 56 -0.66 -4.95 -17.65
N LEU E 57 0.42 -5.55 -17.15
CA LEU E 57 0.44 -6.96 -16.83
C LEU E 57 -0.11 -7.16 -15.42
N ALA E 58 0.25 -6.24 -14.53
CA ALA E 58 -0.33 -6.15 -13.18
C ALA E 58 -1.86 -5.92 -13.19
N LEU E 59 -2.30 -4.92 -13.98
CA LEU E 59 -3.74 -4.61 -14.09
C LEU E 59 -4.55 -5.79 -14.59
N ARG E 60 -4.13 -6.37 -15.71
CA ARG E 60 -4.89 -7.50 -16.22
C ARG E 60 -4.80 -8.74 -15.32
N GLN E 61 -3.71 -8.87 -14.60
CA GLN E 61 -3.62 -9.96 -13.63
C GLN E 61 -4.62 -9.68 -12.48
N ALA E 62 -4.57 -8.49 -11.91
CA ALA E 62 -5.58 -8.12 -10.92
C ALA E 62 -7.03 -8.15 -11.47
N GLY E 63 -7.25 -7.63 -12.69
CA GLY E 63 -8.58 -7.63 -13.29
C GLY E 63 -9.15 -9.04 -13.40
N ASP E 64 -8.27 -10.00 -13.75
CA ASP E 64 -8.68 -11.42 -13.83
C ASP E 64 -9.15 -12.00 -12.50
N ASP E 65 -8.44 -11.72 -11.43
CA ASP E 65 -8.83 -12.21 -10.12
C ASP E 65 -10.10 -11.58 -9.68
N PHE E 66 -10.31 -10.35 -10.10
CA PHE E 66 -11.42 -9.56 -9.59
C PHE E 66 -12.63 -10.05 -10.35
N SER E 67 -12.48 -10.30 -11.63
CA SER E 67 -13.70 -10.72 -12.30
C SER E 67 -14.06 -12.20 -12.12
N ARG E 68 -13.08 -13.06 -11.78
CA ARG E 68 -13.39 -14.42 -11.33
C ARG E 68 -14.07 -14.45 -9.97
N ARG E 69 -13.59 -13.66 -9.02
CA ARG E 69 -14.21 -13.56 -7.68
C ARG E 69 -15.67 -13.06 -7.79
N TYR E 70 -15.98 -12.24 -8.80
CA TYR E 70 -17.31 -11.67 -8.96
C TYR E 70 -18.01 -12.11 -10.23
N ARG E 71 -17.65 -13.30 -10.71
CA ARG E 71 -18.18 -13.85 -11.95
C ARG E 71 -19.73 -13.80 -12.02
N GLY E 72 -20.39 -14.25 -10.95
CA GLY E 72 -21.86 -14.28 -10.87
C GLY E 72 -22.41 -12.88 -11.05
N ASP E 73 -21.81 -11.94 -10.33
CA ASP E 73 -22.21 -10.55 -10.32
C ASP E 73 -22.08 -9.88 -11.68
N PHE E 74 -21.02 -10.19 -12.43
CA PHE E 74 -20.91 -9.66 -13.81
C PHE E 74 -21.92 -10.23 -14.79
N ALA E 75 -22.24 -11.51 -14.68
CA ALA E 75 -23.25 -12.10 -15.58
C ALA E 75 -24.58 -11.35 -15.40
N GLU E 76 -24.99 -11.17 -14.14
CA GLU E 76 -26.18 -10.40 -13.79
C GLU E 76 -26.09 -8.99 -14.27
N MET E 77 -25.04 -8.27 -13.91
CA MET E 77 -25.00 -6.90 -14.39
C MET E 77 -25.04 -6.87 -15.93
N SER E 78 -24.34 -7.78 -16.58
CA SER E 78 -24.40 -7.90 -18.04
C SER E 78 -25.81 -8.07 -18.61
N SER E 79 -26.63 -8.96 -18.03
CA SER E 79 -28.00 -9.12 -18.55
C SER E 79 -28.87 -7.86 -18.46
N GLN E 80 -28.45 -6.86 -17.71
CA GLN E 80 -29.28 -5.68 -17.47
C GLN E 80 -28.62 -4.42 -17.96
N LEU E 81 -27.52 -4.56 -18.66
CA LEU E 81 -26.87 -3.41 -19.25
C LEU E 81 -27.81 -2.61 -20.17
N HIS E 82 -28.62 -3.31 -20.96
CA HIS E 82 -29.41 -2.70 -22.03
C HIS E 82 -28.67 -1.57 -22.69
N LEU E 83 -27.65 -1.93 -23.46
CA LEU E 83 -26.73 -0.98 -24.06
C LEU E 83 -27.22 -0.53 -25.41
N THR E 84 -27.27 0.79 -25.62
CA THR E 84 -27.51 1.38 -26.94
C THR E 84 -26.60 2.59 -27.07
N PRO E 85 -26.49 3.20 -28.28
CA PRO E 85 -25.75 4.48 -28.37
C PRO E 85 -26.29 5.64 -27.51
N PHE E 86 -27.59 5.66 -27.22
CA PHE E 86 -28.20 6.67 -26.32
C PHE E 86 -28.03 6.40 -24.83
N THR E 87 -27.81 5.13 -24.46
CA THR E 87 -27.81 4.75 -23.03
C THR E 87 -26.39 4.56 -22.52
N ALA E 88 -25.47 4.36 -23.44
CA ALA E 88 -24.09 4.00 -23.08
C ALA E 88 -23.35 4.99 -22.16
N ARG E 89 -23.31 6.28 -22.52
CA ARG E 89 -22.69 7.29 -21.68
C ARG E 89 -23.26 7.25 -20.28
N GLY E 90 -24.56 7.01 -20.18
CA GLY E 90 -25.25 7.08 -18.88
C GLY E 90 -24.95 5.87 -18.03
N ARG E 91 -24.82 4.69 -18.65
CA ARG E 91 -24.49 3.47 -17.88
C ARG E 91 -23.11 3.60 -17.34
N PHE E 92 -22.23 4.11 -18.18
CA PHE E 92 -20.88 4.32 -17.78
C PHE E 92 -20.78 5.25 -16.58
N ALA E 93 -21.20 6.49 -16.75
CA ALA E 93 -21.18 7.50 -15.71
C ALA E 93 -21.85 7.04 -14.45
N THR E 94 -22.99 6.34 -14.56
CA THR E 94 -23.71 5.83 -13.39
C THR E 94 -22.98 4.77 -12.55
N VAL E 95 -22.32 3.85 -13.24
CA VAL E 95 -21.56 2.80 -12.54
C VAL E 95 -20.32 3.35 -11.93
N VAL E 96 -19.67 4.25 -12.64
CA VAL E 96 -18.42 4.80 -12.17
C VAL E 96 -18.63 5.70 -10.95
N GLU E 97 -19.68 6.51 -11.02
CA GLU E 97 -20.11 7.34 -9.90
C GLU E 97 -20.35 6.55 -8.60
N GLU E 98 -21.12 5.45 -8.65
CA GLU E 98 -21.37 4.57 -7.48
C GLU E 98 -20.08 3.94 -7.00
N LEU E 99 -19.37 3.39 -7.97
CA LEU E 99 -18.09 2.81 -7.76
C LEU E 99 -17.25 3.70 -6.84
N PHE E 100 -17.20 4.99 -7.11
CA PHE E 100 -16.27 5.85 -6.40
C PHE E 100 -16.92 6.75 -5.37
N ARG E 101 -18.24 6.63 -5.23
CA ARG E 101 -18.97 7.54 -4.33
C ARG E 101 -18.27 7.76 -2.98
N ASP E 102 -17.90 6.66 -2.33
CA ASP E 102 -17.24 6.70 -1.01
C ASP E 102 -15.73 6.88 -1.12
N GLY E 103 -15.21 7.29 -2.27
CA GLY E 103 -13.75 7.48 -2.39
C GLY E 103 -13.04 6.36 -3.16
N VAL E 104 -11.72 6.49 -3.24
CA VAL E 104 -10.96 5.72 -4.19
C VAL E 104 -10.03 4.75 -3.51
N ASN E 105 -9.82 3.60 -4.13
CA ASN E 105 -8.71 2.73 -3.76
C ASN E 105 -8.36 1.83 -4.95
N TRP E 106 -7.29 1.06 -4.83
CA TRP E 106 -6.80 0.20 -5.91
C TRP E 106 -7.77 -0.86 -6.33
N GLY E 107 -8.53 -1.39 -5.38
CA GLY E 107 -9.49 -2.45 -5.67
C GLY E 107 -10.55 -1.89 -6.61
N ARG E 108 -11.02 -0.69 -6.28
CA ARG E 108 -12.03 0.02 -7.07
C ARG E 108 -11.55 0.46 -8.42
N ILE E 109 -10.28 0.83 -8.56
CA ILE E 109 -9.67 1.10 -9.87
C ILE E 109 -9.58 -0.15 -10.70
N VAL E 110 -9.29 -1.29 -10.05
CA VAL E 110 -9.30 -2.54 -10.79
C VAL E 110 -10.74 -2.81 -11.25
N ALA E 111 -11.69 -2.58 -10.35
CA ALA E 111 -13.11 -2.72 -10.68
C ALA E 111 -13.50 -1.84 -11.84
N PHE E 112 -12.93 -0.64 -11.87
CA PHE E 112 -13.18 0.30 -12.96
C PHE E 112 -12.72 -0.26 -14.34
N PHE E 113 -11.48 -0.76 -14.45
CA PHE E 113 -11.04 -1.39 -15.74
C PHE E 113 -11.92 -2.56 -16.14
N GLU E 114 -12.25 -3.43 -15.18
CA GLU E 114 -13.06 -4.59 -15.52
C GLU E 114 -14.41 -4.12 -16.03
N PHE E 115 -14.97 -3.08 -15.41
CA PHE E 115 -16.24 -2.61 -15.85
C PHE E 115 -16.17 -2.07 -17.28
N GLY E 116 -15.22 -1.17 -17.57
CA GLY E 116 -15.06 -0.73 -18.98
C GLY E 116 -15.00 -1.97 -19.87
N GLY E 117 -14.23 -2.97 -19.42
CA GLY E 117 -13.96 -4.13 -20.23
C GLY E 117 -15.24 -4.89 -20.56
N VAL E 118 -16.11 -5.01 -19.57
CA VAL E 118 -17.39 -5.70 -19.74
C VAL E 118 -18.24 -4.93 -20.71
N MET E 119 -18.19 -3.59 -20.65
CA MET E 119 -18.97 -2.74 -21.54
C MET E 119 -18.57 -2.83 -22.99
N CYS E 120 -17.26 -2.89 -23.25
CA CYS E 120 -16.73 -3.06 -24.61
C CYS E 120 -17.05 -4.44 -25.19
N VAL E 121 -16.91 -5.48 -24.37
CA VAL E 121 -17.30 -6.83 -24.78
C VAL E 121 -18.74 -6.77 -25.23
N GLU E 122 -19.61 -6.30 -24.34
CA GLU E 122 -21.02 -6.12 -24.65
C GLU E 122 -21.26 -5.42 -25.95
N SER E 123 -20.50 -4.37 -26.19
CA SER E 123 -20.74 -3.56 -27.34
C SER E 123 -20.57 -4.44 -28.56
N VAL E 124 -19.47 -5.17 -28.62
CA VAL E 124 -19.20 -6.05 -29.74
C VAL E 124 -20.29 -7.11 -29.90
N ASN E 125 -20.65 -7.81 -28.83
CA ASN E 125 -21.72 -8.80 -28.89
C ASN E 125 -23.10 -8.31 -29.33
N ARG E 126 -23.50 -7.10 -28.93
CA ARG E 126 -24.79 -6.53 -29.31
C ARG E 126 -24.72 -5.88 -30.69
N GLU E 127 -23.59 -6.09 -31.36
CA GLU E 127 -23.24 -5.49 -32.66
C GLU E 127 -23.21 -3.97 -32.75
N MET E 128 -22.51 -3.36 -31.77
CA MET E 128 -22.35 -1.93 -31.71
C MET E 128 -20.90 -1.61 -31.45
N SER E 129 -19.97 -2.30 -32.13
CA SER E 129 -18.54 -2.09 -31.89
C SER E 129 -18.03 -0.63 -31.97
N PRO E 130 -18.76 0.29 -32.61
CA PRO E 130 -18.33 1.68 -32.51
C PRO E 130 -18.32 2.22 -31.09
N LEU E 131 -19.28 1.80 -30.26
CA LEU E 131 -19.26 2.11 -28.81
C LEU E 131 -17.93 1.94 -28.09
N VAL E 132 -17.07 1.06 -28.63
CA VAL E 132 -15.84 0.65 -27.97
C VAL E 132 -14.90 1.82 -27.83
N ASP E 133 -14.73 2.52 -28.95
CA ASP E 133 -13.98 3.77 -29.06
C ASP E 133 -14.46 4.87 -28.09
N ASN E 134 -15.78 4.98 -27.98
CA ASN E 134 -16.38 5.86 -27.00
C ASN E 134 -16.01 5.47 -25.58
N ILE E 135 -16.20 4.19 -25.25
CA ILE E 135 -15.87 3.73 -23.91
C ILE E 135 -14.40 4.00 -23.59
N ALA E 136 -13.51 3.67 -24.54
CA ALA E 136 -12.10 3.99 -24.33
C ALA E 136 -11.93 5.48 -24.02
N LEU E 137 -12.64 6.32 -24.79
CA LEU E 137 -12.57 7.75 -24.58
C LEU E 137 -13.05 8.11 -23.16
N TRP E 138 -14.19 7.58 -22.74
CA TRP E 138 -14.70 7.89 -21.40
C TRP E 138 -13.84 7.39 -20.28
N MET E 139 -13.26 6.20 -20.43
CA MET E 139 -12.35 5.71 -19.41
C MET E 139 -11.13 6.60 -19.25
N THR E 140 -10.57 7.01 -20.40
CA THR E 140 -9.39 7.87 -20.41
C THR E 140 -9.74 9.21 -19.77
N GLU E 141 -10.83 9.83 -20.22
CA GLU E 141 -11.27 11.10 -19.63
C GLU E 141 -11.44 10.96 -18.12
N TYR E 142 -12.09 9.89 -17.69
CA TYR E 142 -12.32 9.71 -16.25
C TYR E 142 -10.99 9.51 -15.46
N LEU E 143 -10.11 8.66 -15.97
CA LEU E 143 -8.79 8.52 -15.38
C LEU E 143 -8.05 9.85 -15.24
N ASN E 144 -8.02 10.64 -16.30
CA ASN E 144 -7.32 11.92 -16.29
C ASN E 144 -7.99 12.93 -15.36
N ARG E 145 -9.32 13.10 -15.46
CA ARG E 145 -10.01 14.17 -14.73
C ARG E 145 -10.30 13.83 -13.27
N HIS E 146 -10.49 12.56 -12.94
CA HIS E 146 -10.99 12.23 -11.60
C HIS E 146 -10.16 11.27 -10.77
N LEU E 147 -9.22 10.56 -11.40
CA LEU E 147 -8.52 9.50 -10.67
C LEU E 147 -7.03 9.74 -10.58
N HIS E 148 -6.54 10.54 -11.51
CA HIS E 148 -5.11 10.78 -11.66
C HIS E 148 -4.49 11.43 -10.44
N THR E 149 -5.25 12.35 -9.83
CA THR E 149 -4.87 12.99 -8.55
C THR E 149 -4.69 11.92 -7.48
N TRP E 150 -5.72 11.09 -7.28
CA TRP E 150 -5.60 10.05 -6.26
C TRP E 150 -4.44 9.12 -6.50
N ILE E 151 -4.17 8.81 -7.77
CA ILE E 151 -3.13 7.83 -8.07
C ILE E 151 -1.80 8.45 -7.75
N GLN E 152 -1.55 9.64 -8.28
CA GLN E 152 -0.30 10.32 -8.04
C GLN E 152 -0.04 10.41 -6.53
N ASP E 153 -1.04 10.92 -5.82
CA ASP E 153 -1.13 10.85 -4.37
C ASP E 153 -0.60 9.56 -3.79
N ASN E 154 -1.02 8.44 -4.36
CA ASN E 154 -0.75 7.16 -3.71
C ASN E 154 0.44 6.39 -4.24
N GLY E 155 1.37 7.10 -4.84
CA GLY E 155 2.66 6.52 -5.23
C GLY E 155 2.74 6.14 -6.70
N GLY E 156 2.11 6.96 -7.56
CA GLY E 156 1.92 6.65 -8.98
C GLY E 156 1.46 5.22 -9.36
N TRP E 157 1.25 4.99 -10.65
CA TRP E 157 1.16 3.65 -11.19
C TRP E 157 2.22 2.67 -10.74
N ASP E 158 3.35 3.19 -10.29
CA ASP E 158 4.47 2.37 -9.81
C ASP E 158 4.20 1.66 -8.48
N ALA E 159 3.45 2.31 -7.57
CA ALA E 159 2.97 1.63 -6.38
C ALA E 159 2.11 0.43 -6.75
N PHE E 160 1.27 0.58 -7.76
CA PHE E 160 0.46 -0.55 -8.12
C PHE E 160 1.27 -1.73 -8.67
N VAL E 161 2.27 -1.42 -9.50
CA VAL E 161 3.26 -2.40 -9.90
C VAL E 161 3.92 -3.06 -8.68
N GLU E 162 4.31 -2.27 -7.69
CA GLU E 162 4.74 -2.84 -6.37
C GLU E 162 3.83 -4.02 -5.95
N LEU E 163 2.54 -3.78 -5.77
CA LEU E 163 1.78 -4.80 -5.10
C LEU E 163 1.37 -5.96 -6.01
N TYR E 164 0.98 -5.67 -7.24
CA TYR E 164 0.39 -6.75 -8.02
C TYR E 164 0.95 -7.26 -9.37
N GLY E 165 2.21 -6.93 -9.71
CA GLY E 165 2.70 -7.23 -11.10
C GLY E 165 3.56 -8.46 -11.33
N TYR F 12 -37.58 10.16 16.80
CA TYR F 12 -38.62 10.72 15.91
C TYR F 12 -38.29 10.50 14.42
N ASP F 13 -37.92 9.27 14.08
CA ASP F 13 -36.90 8.95 13.06
C ASP F 13 -37.35 8.80 11.58
N ASN F 14 -36.67 9.51 10.68
CA ASN F 14 -37.03 9.55 9.28
C ASN F 14 -36.93 8.17 8.64
N ARG F 15 -35.78 7.53 8.82
CA ARG F 15 -35.58 6.15 8.38
C ARG F 15 -36.72 5.28 8.87
N GLU F 16 -37.08 5.37 10.15
CA GLU F 16 -38.20 4.58 10.66
C GLU F 16 -39.50 4.84 9.86
N ILE F 17 -39.72 6.08 9.47
CA ILE F 17 -40.93 6.43 8.71
C ILE F 17 -40.92 5.84 7.29
N VAL F 18 -39.76 5.93 6.64
CA VAL F 18 -39.60 5.30 5.38
C VAL F 18 -39.85 3.79 5.50
N MET F 19 -39.24 3.15 6.49
CA MET F 19 -39.21 1.69 6.55
C MET F 19 -40.61 1.18 6.80
N LYS F 20 -41.38 1.93 7.58
CA LYS F 20 -42.74 1.50 7.95
C LYS F 20 -43.70 1.78 6.81
N TYR F 21 -43.53 2.91 6.14
CA TYR F 21 -44.27 3.14 4.93
C TYR F 21 -44.03 2.09 3.82
N ILE F 22 -42.79 1.74 3.53
CA ILE F 22 -42.53 0.78 2.43
C ILE F 22 -42.99 -0.63 2.80
N HIS F 23 -42.75 -1.00 4.06
CA HIS F 23 -43.18 -2.29 4.55
C HIS F 23 -44.67 -2.47 4.27
N TYR F 24 -45.47 -1.49 4.64
CA TYR F 24 -46.90 -1.58 4.44
C TYR F 24 -47.34 -1.64 2.97
N LYS F 25 -46.80 -0.80 2.08
CA LYS F 25 -47.24 -0.80 0.67
C LYS F 25 -46.95 -2.13 0.04
N LEU F 26 -45.84 -2.72 0.45
CA LEU F 26 -45.42 -4.04 -0.03
C LEU F 26 -46.30 -5.14 0.55
N SER F 27 -46.66 -4.96 1.81
CA SER F 27 -47.46 -5.90 2.59
C SER F 27 -48.85 -5.96 2.00
N GLN F 28 -49.39 -4.78 1.68
CA GLN F 28 -50.61 -4.61 0.89
C GLN F 28 -50.66 -5.51 -0.34
N ARG F 29 -49.51 -5.88 -0.89
CA ARG F 29 -49.49 -6.51 -2.21
C ARG F 29 -48.91 -7.91 -2.21
N GLY F 30 -49.00 -8.55 -1.05
CA GLY F 30 -48.67 -9.97 -0.92
C GLY F 30 -47.21 -10.24 -0.66
N TYR F 31 -46.43 -9.20 -0.44
CA TYR F 31 -45.00 -9.39 -0.26
C TYR F 31 -44.55 -8.85 1.10
N GLU F 32 -43.88 -9.74 1.79
CA GLU F 32 -43.43 -9.55 3.16
C GLU F 32 -42.03 -9.05 3.06
N TRP F 33 -41.78 -7.84 3.51
CA TRP F 33 -40.47 -7.26 3.29
C TRP F 33 -39.56 -7.29 4.48
N ASP F 34 -38.45 -8.03 4.36
CA ASP F 34 -37.44 -8.11 5.42
C ASP F 34 -36.80 -6.75 5.69
N ALA F 35 -37.43 -5.99 6.60
CA ALA F 35 -37.16 -4.58 6.86
C ALA F 35 -35.74 -4.36 7.34
N GLU F 53 -46.95 7.00 17.22
CA GLU F 53 -47.07 6.17 16.00
C GLU F 53 -48.14 6.68 14.96
N VAL F 54 -48.88 7.71 15.35
CA VAL F 54 -49.90 8.30 14.51
C VAL F 54 -49.33 8.65 13.12
N VAL F 55 -48.11 9.17 13.11
CA VAL F 55 -47.46 9.71 11.91
C VAL F 55 -47.44 8.73 10.74
N HIS F 56 -47.10 7.48 11.02
CA HIS F 56 -47.18 6.44 10.01
C HIS F 56 -48.57 6.25 9.45
N LEU F 57 -49.59 6.22 10.32
CA LEU F 57 -50.97 5.93 9.90
C LEU F 57 -51.57 7.06 9.06
N ALA F 58 -51.20 8.28 9.43
CA ALA F 58 -51.68 9.47 8.77
C ALA F 58 -51.05 9.54 7.38
N LEU F 59 -49.75 9.24 7.31
CA LEU F 59 -48.98 9.33 6.07
C LEU F 59 -49.61 8.43 5.03
N ARG F 60 -49.98 7.25 5.46
CA ARG F 60 -50.43 6.27 4.53
C ARG F 60 -51.88 6.43 4.09
N GLN F 61 -52.73 6.90 4.98
CA GLN F 61 -54.05 7.35 4.58
C GLN F 61 -54.02 8.49 3.54
N ALA F 62 -53.22 9.52 3.77
CA ALA F 62 -53.09 10.56 2.77
C ALA F 62 -52.63 9.97 1.41
N GLY F 63 -51.64 9.07 1.50
CA GLY F 63 -51.09 8.33 0.37
C GLY F 63 -52.12 7.56 -0.47
N ASP F 64 -53.02 6.84 0.18
CA ASP F 64 -54.07 6.14 -0.52
C ASP F 64 -55.01 7.15 -1.16
N ASP F 65 -55.31 8.26 -0.49
CA ASP F 65 -56.17 9.26 -1.12
C ASP F 65 -55.43 9.88 -2.31
N PHE F 66 -54.12 10.08 -2.19
CA PHE F 66 -53.35 10.71 -3.26
C PHE F 66 -53.17 9.82 -4.50
N SER F 67 -52.98 8.51 -4.31
CA SER F 67 -52.84 7.70 -5.49
C SER F 67 -54.19 7.25 -6.03
N ARG F 68 -55.23 7.22 -5.21
CA ARG F 68 -56.57 6.94 -5.75
C ARG F 68 -56.99 8.07 -6.66
N ARG F 69 -56.70 9.30 -6.24
CA ARG F 69 -56.96 10.48 -7.04
C ARG F 69 -56.22 10.49 -8.39
N TYR F 70 -54.97 10.04 -8.42
CA TYR F 70 -54.17 10.02 -9.67
C TYR F 70 -53.91 8.60 -10.08
N ARG F 71 -54.89 7.73 -9.87
CA ARG F 71 -54.81 6.33 -10.26
C ARG F 71 -54.25 6.12 -11.65
N GLY F 72 -54.87 6.77 -12.63
CA GLY F 72 -54.51 6.61 -14.06
C GLY F 72 -53.06 7.05 -14.39
N ASP F 73 -52.61 8.13 -13.75
CA ASP F 73 -51.25 8.61 -13.86
C ASP F 73 -50.28 7.64 -13.19
N PHE F 74 -50.64 7.03 -12.06
CA PHE F 74 -49.70 6.06 -11.42
C PHE F 74 -49.52 4.81 -12.26
N ALA F 75 -50.63 4.35 -12.85
CA ALA F 75 -50.65 3.23 -13.79
C ALA F 75 -49.74 3.46 -15.05
N GLU F 76 -49.87 4.63 -15.70
CA GLU F 76 -48.94 5.03 -16.79
C GLU F 76 -47.48 5.06 -16.34
N MET F 77 -47.25 5.71 -15.22
CA MET F 77 -45.90 5.79 -14.68
C MET F 77 -45.34 4.39 -14.40
N SER F 78 -46.09 3.52 -13.71
CA SER F 78 -45.52 2.20 -13.38
C SER F 78 -45.10 1.47 -14.64
N SER F 79 -45.85 1.59 -15.72
CA SER F 79 -45.52 0.80 -16.89
C SER F 79 -44.45 1.46 -17.79
N GLN F 80 -43.98 2.66 -17.41
CA GLN F 80 -42.92 3.32 -18.19
C GLN F 80 -41.62 3.29 -17.43
N LEU F 81 -41.68 2.89 -16.16
CA LEU F 81 -40.49 2.90 -15.35
C LEU F 81 -39.33 2.15 -15.96
N HIS F 82 -39.57 0.94 -16.47
CA HIS F 82 -38.49 0.06 -16.95
C HIS F 82 -37.31 0.05 -16.02
N LEU F 83 -37.55 -0.38 -14.80
CA LEU F 83 -36.58 -0.35 -13.74
C LEU F 83 -35.52 -1.42 -13.89
N THR F 84 -34.28 -1.02 -13.72
CA THR F 84 -33.19 -1.94 -13.57
C THR F 84 -32.26 -1.36 -12.53
N PRO F 85 -31.27 -2.16 -12.10
CA PRO F 85 -30.22 -1.64 -11.21
C PRO F 85 -29.44 -0.44 -11.76
N PHE F 86 -29.25 -0.36 -13.07
CA PHE F 86 -28.59 0.83 -13.64
C PHE F 86 -29.45 2.08 -13.76
N THR F 87 -30.77 1.94 -13.85
CA THR F 87 -31.62 3.09 -14.11
C THR F 87 -32.36 3.53 -12.87
N ALA F 88 -32.40 2.67 -11.86
CA ALA F 88 -33.26 2.96 -10.73
C ALA F 88 -32.96 4.30 -10.03
N ARG F 89 -31.69 4.55 -9.68
CA ARG F 89 -31.31 5.83 -9.03
C ARG F 89 -31.71 7.05 -9.87
N GLY F 90 -31.51 6.96 -11.19
CA GLY F 90 -31.82 8.06 -12.11
C GLY F 90 -33.33 8.31 -12.15
N ARG F 91 -34.11 7.25 -12.11
CA ARG F 91 -35.56 7.42 -12.18
C ARG F 91 -35.95 8.20 -10.94
N PHE F 92 -35.29 7.86 -9.85
CA PHE F 92 -35.72 8.31 -8.57
C PHE F 92 -35.38 9.80 -8.50
N ALA F 93 -34.10 10.11 -8.67
CA ALA F 93 -33.59 11.47 -8.82
C ALA F 93 -34.34 12.33 -9.84
N THR F 94 -34.61 11.82 -11.04
CA THR F 94 -35.30 12.63 -12.04
C THR F 94 -36.63 13.07 -11.46
N VAL F 95 -37.41 12.11 -11.01
CA VAL F 95 -38.75 12.37 -10.55
C VAL F 95 -38.75 13.22 -9.30
N VAL F 96 -37.91 12.85 -8.36
CA VAL F 96 -37.89 13.63 -7.13
C VAL F 96 -37.51 15.10 -7.40
N GLU F 97 -36.43 15.32 -8.16
CA GLU F 97 -36.05 16.64 -8.61
C GLU F 97 -37.20 17.42 -9.26
N GLU F 98 -37.98 16.78 -10.15
CA GLU F 98 -39.12 17.46 -10.75
C GLU F 98 -40.12 17.79 -9.65
N LEU F 99 -40.47 16.82 -8.84
CA LEU F 99 -41.54 16.99 -7.87
C LEU F 99 -41.31 18.23 -6.97
N PHE F 100 -40.06 18.49 -6.60
CA PHE F 100 -39.75 19.53 -5.63
C PHE F 100 -39.17 20.78 -6.26
N ARG F 101 -39.24 20.85 -7.58
CA ARG F 101 -38.66 21.96 -8.32
C ARG F 101 -39.08 23.34 -7.76
N ASP F 102 -40.38 23.63 -7.78
CA ASP F 102 -40.97 24.84 -7.20
C ASP F 102 -41.15 24.79 -5.69
N GLY F 103 -40.36 23.96 -5.01
CA GLY F 103 -40.39 23.91 -3.55
C GLY F 103 -41.30 22.88 -2.91
N VAL F 104 -41.40 22.95 -1.60
CA VAL F 104 -41.89 21.84 -0.83
C VAL F 104 -43.20 22.25 -0.22
N ASN F 105 -44.14 21.31 -0.24
CA ASN F 105 -45.30 21.39 0.61
C ASN F 105 -45.76 19.97 0.97
N TRP F 106 -46.82 19.86 1.78
CA TRP F 106 -47.19 18.55 2.35
C TRP F 106 -47.74 17.61 1.31
N GLY F 107 -48.45 18.17 0.35
CA GLY F 107 -49.00 17.41 -0.75
C GLY F 107 -47.90 16.80 -1.59
N ARG F 108 -46.79 17.53 -1.74
CA ARG F 108 -45.66 17.02 -2.51
C ARG F 108 -44.86 16.02 -1.69
N ILE F 109 -44.80 16.20 -0.38
CA ILE F 109 -44.27 15.12 0.44
C ILE F 109 -45.12 13.85 0.33
N VAL F 110 -46.45 13.99 0.31
CA VAL F 110 -47.29 12.79 0.24
C VAL F 110 -46.96 12.08 -1.10
N ALA F 111 -46.74 12.86 -2.17
CA ALA F 111 -46.44 12.27 -3.49
C ALA F 111 -45.11 11.55 -3.48
N PHE F 112 -44.13 12.15 -2.84
CA PHE F 112 -42.82 11.57 -2.62
C PHE F 112 -42.91 10.11 -2.10
N PHE F 113 -43.65 9.90 -1.02
CA PHE F 113 -43.82 8.56 -0.44
C PHE F 113 -44.60 7.62 -1.33
N GLU F 114 -45.63 8.12 -2.02
CA GLU F 114 -46.35 7.27 -2.98
C GLU F 114 -45.45 6.90 -4.14
N PHE F 115 -44.51 7.78 -4.49
CA PHE F 115 -43.61 7.41 -5.57
C PHE F 115 -42.57 6.39 -5.11
N GLY F 116 -42.06 6.54 -3.91
CA GLY F 116 -41.07 5.54 -3.46
C GLY F 116 -41.75 4.19 -3.31
N GLY F 117 -43.03 4.22 -2.91
CA GLY F 117 -43.85 3.00 -2.83
C GLY F 117 -44.07 2.35 -4.18
N VAL F 118 -44.26 3.15 -5.21
CA VAL F 118 -44.45 2.62 -6.59
C VAL F 118 -43.16 2.00 -7.11
N MET F 119 -42.04 2.66 -6.89
CA MET F 119 -40.75 2.08 -7.25
C MET F 119 -40.49 0.74 -6.54
N CYS F 120 -40.80 0.66 -5.24
CA CYS F 120 -40.67 -0.59 -4.50
C CYS F 120 -41.53 -1.75 -5.05
N VAL F 121 -42.83 -1.52 -5.26
CA VAL F 121 -43.70 -2.56 -5.85
C VAL F 121 -43.14 -3.05 -7.20
N GLU F 122 -42.73 -2.10 -8.05
CA GLU F 122 -42.18 -2.47 -9.35
C GLU F 122 -40.93 -3.32 -9.22
N SER F 123 -40.05 -2.99 -8.28
CA SER F 123 -38.84 -3.77 -8.03
C SER F 123 -39.22 -5.22 -7.78
N VAL F 124 -40.23 -5.37 -6.94
CA VAL F 124 -40.66 -6.69 -6.58
C VAL F 124 -41.29 -7.36 -7.80
N ASN F 125 -42.20 -6.68 -8.51
CA ASN F 125 -42.84 -7.28 -9.69
C ASN F 125 -41.82 -7.82 -10.67
N ARG F 126 -40.63 -7.24 -10.67
CA ARG F 126 -39.61 -7.57 -11.64
C ARG F 126 -38.47 -8.42 -11.11
N GLU F 127 -38.65 -8.92 -9.88
CA GLU F 127 -37.70 -9.81 -9.23
C GLU F 127 -36.38 -9.13 -9.12
N MET F 128 -36.44 -7.86 -8.74
CA MET F 128 -35.28 -7.06 -8.39
C MET F 128 -35.52 -6.56 -6.99
N SER F 129 -35.96 -7.48 -6.15
CA SER F 129 -36.35 -7.14 -4.80
C SER F 129 -35.26 -6.48 -3.98
N PRO F 130 -33.97 -6.71 -4.29
CA PRO F 130 -32.95 -6.01 -3.47
C PRO F 130 -33.00 -4.48 -3.64
N LEU F 131 -33.52 -4.01 -4.78
CA LEU F 131 -33.56 -2.57 -5.05
C LEU F 131 -34.43 -1.86 -4.02
N VAL F 132 -35.25 -2.64 -3.33
CA VAL F 132 -36.09 -2.10 -2.27
C VAL F 132 -35.22 -1.46 -1.18
N ASP F 133 -34.15 -2.15 -0.78
CA ASP F 133 -33.23 -1.62 0.24
C ASP F 133 -32.51 -0.38 -0.24
N ASN F 134 -32.24 -0.33 -1.55
CA ASN F 134 -31.69 0.88 -2.18
C ASN F 134 -32.67 2.08 -2.23
N ILE F 135 -33.91 1.82 -2.63
CA ILE F 135 -34.93 2.82 -2.59
C ILE F 135 -35.25 3.33 -1.19
N ALA F 136 -35.29 2.45 -0.19
CA ALA F 136 -35.42 2.89 1.21
C ALA F 136 -34.28 3.81 1.64
N LEU F 137 -33.06 3.47 1.25
CA LEU F 137 -31.91 4.33 1.51
C LEU F 137 -32.05 5.72 0.82
N TRP F 138 -32.35 5.74 -0.49
CA TRP F 138 -32.40 7.05 -1.17
C TRP F 138 -33.49 7.91 -0.60
N MET F 139 -34.57 7.29 -0.14
CA MET F 139 -35.72 8.04 0.33
C MET F 139 -35.31 8.68 1.60
N THR F 140 -34.62 7.89 2.41
CA THR F 140 -34.18 8.36 3.71
C THR F 140 -33.19 9.47 3.49
N GLU F 141 -32.26 9.27 2.59
CA GLU F 141 -31.25 10.29 2.33
C GLU F 141 -31.87 11.57 1.83
N TYR F 142 -32.82 11.49 0.90
CA TYR F 142 -33.43 12.72 0.40
C TYR F 142 -34.27 13.42 1.48
N LEU F 143 -34.92 12.63 2.34
CA LEU F 143 -35.62 13.18 3.48
C LEU F 143 -34.70 13.91 4.47
N ASN F 144 -33.58 13.28 4.84
CA ASN F 144 -32.61 13.91 5.76
C ASN F 144 -31.91 15.09 5.14
N ARG F 145 -31.48 14.95 3.88
CA ARG F 145 -30.75 16.03 3.22
C ARG F 145 -31.62 17.21 2.80
N HIS F 146 -32.75 16.96 2.18
CA HIS F 146 -33.40 18.00 1.39
C HIS F 146 -34.72 18.45 1.89
N LEU F 147 -35.31 17.70 2.83
CA LEU F 147 -36.68 17.98 3.20
C LEU F 147 -36.79 18.24 4.69
N HIS F 148 -35.81 17.74 5.42
CA HIS F 148 -35.80 17.76 6.88
C HIS F 148 -35.93 19.14 7.49
N THR F 149 -35.25 20.11 6.86
CA THR F 149 -35.22 21.52 7.21
C THR F 149 -36.63 22.06 7.12
N TRP F 150 -37.23 21.86 5.95
CA TRP F 150 -38.55 22.39 5.71
C TRP F 150 -39.45 21.83 6.72
N ILE F 151 -39.51 20.50 6.82
CA ILE F 151 -40.46 19.88 7.74
C ILE F 151 -40.34 20.49 9.15
N GLN F 152 -39.10 20.73 9.61
CA GLN F 152 -38.84 21.25 10.96
C GLN F 152 -39.34 22.66 11.12
N ASP F 153 -39.15 23.46 10.06
CA ASP F 153 -39.67 24.82 9.98
C ASP F 153 -41.17 24.84 9.89
N ASN F 154 -41.80 23.71 9.58
CA ASN F 154 -43.26 23.67 9.61
C ASN F 154 -43.77 22.93 10.84
N GLY F 155 -42.84 22.67 11.75
CA GLY F 155 -43.17 22.16 13.08
C GLY F 155 -42.94 20.66 13.20
N GLY F 156 -42.18 20.11 12.25
CA GLY F 156 -41.93 18.67 12.23
C GLY F 156 -43.13 17.86 11.80
N TRP F 157 -43.02 16.54 11.94
CA TRP F 157 -44.11 15.60 11.64
C TRP F 157 -45.31 15.75 12.52
N ASP F 158 -45.10 16.09 13.79
CA ASP F 158 -46.24 16.43 14.66
C ASP F 158 -47.23 17.25 13.86
N ALA F 159 -46.73 18.31 13.25
CA ALA F 159 -47.55 19.29 12.56
C ALA F 159 -48.36 18.68 11.41
N PHE F 160 -47.78 17.74 10.66
CA PHE F 160 -48.57 17.05 9.63
C PHE F 160 -49.76 16.45 10.29
N VAL F 161 -49.53 15.54 11.24
CA VAL F 161 -50.61 15.01 12.06
C VAL F 161 -51.50 16.13 12.61
N GLU F 162 -50.92 17.14 13.27
CA GLU F 162 -51.76 18.09 14.06
C GLU F 162 -52.75 18.88 13.20
N LEU F 163 -52.27 19.41 12.09
CA LEU F 163 -53.14 20.01 11.09
C LEU F 163 -53.91 18.99 10.18
N TYR F 164 -53.47 17.72 10.08
CA TYR F 164 -54.17 16.72 9.23
C TYR F 164 -55.51 16.21 9.80
N GLY F 165 -55.54 15.45 10.92
CA GLY F 165 -54.47 14.53 11.37
C GLY F 165 -54.95 13.51 12.40
#